data_8PLV
#
_entry.id   8PLV
#
_cell.length_a   62.080
_cell.length_b   103.850
_cell.length_c   134.730
_cell.angle_alpha   90.000
_cell.angle_beta   91.800
_cell.angle_gamma   90.000
#
_symmetry.space_group_name_H-M   'P 1 21 1'
#
loop_
_entity.id
_entity.type
_entity.pdbx_description
1 polymer 'Thioredoxin glutathione reductase'
2 non-polymer 'FLAVIN-ADENINE DINUCLEOTIDE'
3 non-polymer 1-(diphenylmethyl)azetidin-3-ol
4 water water
#
_entity_poly.entity_id   1
_entity_poly.type   'polypeptide(L)'
_entity_poly.pdbx_seq_one_letter_code
;GPPPADGTSQWLRKTVDSAAVILFSKTTCPYCKKVKDVLAEAKIKHATIELDQLSNGSAIQKCLASFSKIETVPQMFVRG
KFIGDSQTVLKYYSNDELAGIVNESKYDYDLIVIGGGSGGLAAGKEAAKYGAKTAVLDYVEPTPIGTTWGLGGTCVNVGC
IPKKLMHQAGLLSHALEDAEHFGWSLDRSKISHNWSTMVEGVQSHIGSLNWGYKVALRDNQVTYLNAKGRLISPHEVQIT
DKNQKVSTITGNKIILATGERPKYPEIPGAVEYGITSDDLFSLPYFPGKTLVIGASYVALECAGFLASLGGDVTVMVRSI
LLRGFDQQMAEKVGDYMENHGVKFAKLCVPDEIKQLKVVDTENNKPGLLLVKGHYTDGKKFEEEFETVIFAVGREPQLSK
VLCETVGVKLDKNGRVVCTDDEQTTVSNVYAIGDINAGKPQLTPVAIQAGRYLARRLFAGATELTDYSNVATTVFTPLEY
GACGLSEEDAIEKYGDKDIEVYHSNFKPLEWTVAHREDNVCYMKLVCRKSDNMRVLGLHVLGPNAGEITQGYAVAIKMGA
TKADFDRTIGIHPTCSETFTTLHVTKKSGVSPIVSGC
;
_entity_poly.pdbx_strand_id   A,B
#
loop_
_chem_comp.id
_chem_comp.type
_chem_comp.name
_chem_comp.formula
FAD non-polymer 'FLAVIN-ADENINE DINUCLEOTIDE' 'C27 H33 N9 O15 P2'
UXG non-polymer 1-(diphenylmethyl)azetidin-3-ol 'C16 H17 N O'
#
# COMPACT_ATOMS: atom_id res chain seq x y z
N GLY A 7 40.08 -6.51 16.02
CA GLY A 7 38.88 -6.29 15.22
C GLY A 7 37.96 -7.49 15.26
N THR A 8 38.29 -8.52 14.47
CA THR A 8 37.65 -9.81 14.64
C THR A 8 37.92 -10.37 16.04
N SER A 9 39.10 -10.07 16.58
CA SER A 9 39.44 -10.39 17.96
C SER A 9 38.39 -9.86 18.94
N GLN A 10 37.98 -8.59 18.78
CA GLN A 10 37.08 -7.95 19.74
C GLN A 10 35.65 -8.48 19.63
N TRP A 11 35.20 -8.77 18.40
CA TRP A 11 33.89 -9.39 18.23
C TRP A 11 33.84 -10.75 18.95
N LEU A 12 34.83 -11.61 18.70
CA LEU A 12 34.79 -12.96 19.28
C LEU A 12 34.83 -12.91 20.80
N ARG A 13 35.67 -12.06 21.39
CA ARG A 13 35.70 -11.94 22.84
C ARG A 13 34.36 -11.43 23.38
N LYS A 14 33.71 -10.53 22.64
CA LYS A 14 32.39 -10.04 23.05
C LYS A 14 31.34 -11.15 22.99
N THR A 15 31.32 -11.90 21.87
CA THR A 15 30.29 -12.92 21.69
C THR A 15 30.43 -14.03 22.74
N VAL A 16 31.66 -14.50 22.99
CA VAL A 16 31.85 -15.61 23.91
C VAL A 16 31.53 -15.23 25.36
N ASP A 17 31.56 -13.93 25.69
CA ASP A 17 31.39 -13.50 27.06
C ASP A 17 29.92 -13.39 27.46
N SER A 18 29.05 -12.90 26.56
CA SER A 18 27.65 -12.69 26.93
C SER A 18 26.72 -13.85 26.58
N ALA A 19 27.06 -14.68 25.59
CA ALA A 19 26.20 -15.80 25.22
C ALA A 19 26.11 -16.82 26.36
N ALA A 20 24.91 -17.35 26.58
CA ALA A 20 24.70 -18.37 27.61
C ALA A 20 25.28 -19.73 27.19
N VAL A 21 24.87 -20.23 26.02
CA VAL A 21 25.34 -21.50 25.47
C VAL A 21 25.51 -21.31 23.97
N ILE A 22 26.75 -21.42 23.47
CA ILE A 22 27.06 -21.19 22.06
C ILE A 22 27.92 -22.33 21.53
N LEU A 23 27.70 -22.67 20.27
CA LEU A 23 28.40 -23.77 19.61
C LEU A 23 29.01 -23.27 18.31
N PHE A 24 30.34 -23.31 18.21
CA PHE A 24 31.03 -22.97 16.97
C PHE A 24 31.14 -24.24 16.14
N SER A 25 30.83 -24.13 14.85
CA SER A 25 30.45 -25.31 14.08
C SER A 25 30.67 -25.07 12.59
N LYS A 26 30.53 -26.15 11.81
CA LYS A 26 30.38 -26.07 10.35
C LYS A 26 29.26 -26.97 9.87
N THR A 27 28.66 -26.59 8.73
CA THR A 27 27.53 -27.33 8.17
C THR A 27 27.98 -28.71 7.68
N THR A 28 29.10 -28.75 6.96
CA THR A 28 29.61 -30.01 6.43
C THR A 28 30.22 -30.89 7.51
N CYS A 29 30.69 -30.32 8.61
CA CYS A 29 31.34 -31.10 9.67
C CYS A 29 30.42 -32.21 10.19
N PRO A 30 30.93 -33.45 10.34
CA PRO A 30 30.11 -34.51 10.94
C PRO A 30 30.26 -34.58 12.44
N TYR A 31 31.45 -34.23 12.96
CA TYR A 31 31.65 -34.28 14.41
C TYR A 31 30.77 -33.26 15.13
N CYS A 32 30.32 -32.22 14.43
CA CYS A 32 29.47 -31.21 15.04
C CYS A 32 28.02 -31.68 15.12
N LYS A 33 27.51 -32.31 14.06
CA LYS A 33 26.16 -32.87 14.10
C LYS A 33 25.98 -33.82 15.26
N LYS A 34 27.02 -34.57 15.61
CA LYS A 34 26.94 -35.42 16.78
C LYS A 34 26.71 -34.59 18.04
N VAL A 35 27.35 -33.41 18.14
CA VAL A 35 27.14 -32.56 19.31
C VAL A 35 25.74 -31.94 19.26
N LYS A 36 25.35 -31.42 18.09
CA LYS A 36 24.00 -30.87 17.95
C LYS A 36 22.95 -31.87 18.40
N ASP A 37 23.12 -33.14 18.01
CA ASP A 37 22.13 -34.16 18.33
C ASP A 37 22.05 -34.41 19.83
N VAL A 38 23.18 -34.39 20.53
CA VAL A 38 23.19 -34.54 21.99
C VAL A 38 22.49 -33.36 22.65
N LEU A 39 22.81 -32.12 22.21
CA LEU A 39 22.14 -30.94 22.74
C LEU A 39 20.66 -30.96 22.41
N ALA A 40 20.32 -31.23 21.15
CA ALA A 40 18.92 -31.41 20.77
C ALA A 40 18.23 -32.42 21.69
N GLU A 41 18.85 -33.58 21.91
CA GLU A 41 18.20 -34.63 22.68
C GLU A 41 18.00 -34.22 24.14
N ALA A 42 18.93 -33.47 24.71
CA ALA A 42 18.88 -33.14 26.12
C ALA A 42 18.10 -31.87 26.43
N LYS A 43 17.39 -31.31 25.43
CA LYS A 43 16.59 -30.09 25.60
C LYS A 43 17.46 -28.86 25.92
N ILE A 44 18.68 -28.83 25.37
CA ILE A 44 19.62 -27.73 25.59
C ILE A 44 19.53 -26.77 24.42
N LYS A 45 18.91 -25.60 24.65
CA LYS A 45 18.86 -24.54 23.65
C LYS A 45 20.18 -23.78 23.63
N HIS A 46 20.60 -23.38 22.43
CA HIS A 46 21.89 -22.75 22.26
C HIS A 46 21.92 -21.98 20.94
N ALA A 47 22.78 -20.97 20.89
CA ALA A 47 23.14 -20.36 19.61
C ALA A 47 24.12 -21.25 18.86
N THR A 48 24.23 -21.01 17.55
CA THR A 48 25.14 -21.77 16.70
C THR A 48 25.71 -20.85 15.64
N ILE A 49 27.03 -20.86 15.49
CA ILE A 49 27.72 -20.06 14.49
C ILE A 49 28.32 -21.03 13.49
N GLU A 50 27.78 -21.07 12.27
CA GLU A 50 28.38 -21.95 11.25
C GLU A 50 29.53 -21.20 10.59
N LEU A 51 30.77 -21.59 10.94
CA LEU A 51 31.94 -20.83 10.53
C LEU A 51 32.04 -20.71 9.01
N ASP A 52 31.63 -21.76 8.27
CA ASP A 52 31.86 -21.82 6.82
C ASP A 52 31.01 -20.84 6.02
N GLN A 53 30.13 -20.07 6.65
CA GLN A 53 29.36 -19.06 5.93
C GLN A 53 29.61 -17.66 6.49
N LEU A 54 30.81 -17.41 7.02
CA LEU A 54 31.17 -16.09 7.49
C LEU A 54 32.36 -15.53 6.73
N SER A 55 32.34 -14.19 6.58
CA SER A 55 33.32 -13.49 5.74
C SER A 55 34.75 -13.76 6.20
N ASN A 56 34.96 -14.11 7.47
CA ASN A 56 36.29 -14.39 8.00
C ASN A 56 36.23 -15.57 8.97
N GLY A 57 35.75 -16.72 8.47
CA GLY A 57 35.71 -17.91 9.29
C GLY A 57 37.09 -18.48 9.61
N SER A 58 38.07 -18.21 8.74
CA SER A 58 39.43 -18.67 9.00
C SER A 58 40.04 -17.93 10.18
N ALA A 59 39.89 -16.61 10.21
CA ALA A 59 40.41 -15.83 11.33
C ALA A 59 39.72 -16.17 12.63
N ILE A 60 38.40 -16.40 12.58
CA ILE A 60 37.66 -16.72 13.80
C ILE A 60 38.16 -18.03 14.39
N GLN A 61 38.27 -19.05 13.52
CA GLN A 61 38.75 -20.36 13.96
C GLN A 61 40.11 -20.26 14.61
N LYS A 62 41.04 -19.53 13.98
CA LYS A 62 42.34 -19.29 14.60
C LYS A 62 42.18 -18.49 15.90
N CYS A 63 41.24 -17.56 15.93
CA CYS A 63 41.09 -16.67 17.09
C CYS A 63 40.49 -17.40 18.29
N LEU A 64 39.75 -18.49 18.04
CA LEU A 64 39.12 -19.25 19.12
C LEU A 64 40.16 -19.93 20.01
N ALA A 65 41.31 -20.28 19.44
CA ALA A 65 42.35 -20.96 20.22
C ALA A 65 42.75 -20.13 21.42
N SER A 66 42.62 -18.81 21.33
CA SER A 66 42.97 -17.94 22.46
C SER A 66 42.14 -18.24 23.70
N PHE A 67 41.00 -18.92 23.55
CA PHE A 67 40.13 -19.29 24.67
C PHE A 67 40.16 -20.78 24.98
N SER A 68 40.32 -21.64 23.97
CA SER A 68 40.23 -23.07 24.17
C SER A 68 41.57 -23.79 23.97
N LYS A 69 42.61 -23.07 23.57
CA LYS A 69 43.90 -23.65 23.23
C LYS A 69 43.78 -24.75 22.16
N ILE A 70 42.70 -24.75 21.37
CA ILE A 70 42.54 -25.62 20.21
C ILE A 70 42.01 -24.80 19.05
N GLU A 71 42.10 -25.36 17.84
CA GLU A 71 41.68 -24.63 16.64
C GLU A 71 40.70 -25.40 15.77
N THR A 72 40.16 -26.52 16.25
CA THR A 72 39.21 -27.32 15.51
C THR A 72 37.77 -26.92 15.84
N VAL A 73 36.83 -27.46 15.08
CA VAL A 73 35.52 -26.81 14.96
C VAL A 73 34.34 -27.63 15.46
N PRO A 74 34.40 -28.23 16.62
CA PRO A 74 33.17 -28.34 17.41
C PRO A 74 33.33 -27.80 18.82
N GLN A 75 33.37 -26.47 18.98
CA GLN A 75 33.49 -25.83 20.29
C GLN A 75 32.16 -25.18 20.76
N PHE A 77 31.22 -23.82 24.63
CA PHE A 77 31.21 -22.60 25.44
C PHE A 77 29.92 -22.37 26.24
N VAL A 78 30.05 -22.12 27.54
CA VAL A 78 28.91 -21.85 28.42
C VAL A 78 29.27 -20.62 29.26
N ARG A 79 28.55 -19.52 29.03
CA ARG A 79 28.62 -18.34 29.88
C ARG A 79 30.06 -17.83 30.04
N GLY A 80 30.84 -17.97 28.95
CA GLY A 80 32.22 -17.52 28.90
C GLY A 80 33.27 -18.62 29.02
N LYS A 81 32.89 -19.81 29.49
CA LYS A 81 33.83 -20.90 29.76
C LYS A 81 33.83 -21.90 28.59
N PHE A 82 35.03 -22.22 28.09
CA PHE A 82 35.15 -23.33 27.15
C PHE A 82 34.78 -24.63 27.86
N ILE A 83 33.95 -25.42 27.21
CA ILE A 83 33.44 -26.67 27.78
C ILE A 83 34.21 -27.88 27.24
N GLY A 84 34.40 -27.97 25.93
CA GLY A 84 35.12 -29.08 25.34
C GLY A 84 34.74 -29.28 23.89
N ASP A 85 35.41 -30.27 23.28
CA ASP A 85 35.08 -30.74 21.94
C ASP A 85 34.02 -31.83 22.04
N SER A 86 33.79 -32.58 20.95
CA SER A 86 32.76 -33.61 20.98
C SER A 86 33.07 -34.69 22.02
N GLN A 87 34.34 -35.13 22.11
CA GLN A 87 34.67 -36.16 23.09
C GLN A 87 34.38 -35.70 24.51
N THR A 88 34.89 -34.51 24.87
CA THR A 88 34.68 -33.99 26.21
C THR A 88 33.20 -33.82 26.54
N VAL A 89 32.40 -33.33 25.57
CA VAL A 89 30.98 -33.07 25.84
C VAL A 89 30.21 -34.37 25.96
N LEU A 90 30.49 -35.35 25.09
CA LEU A 90 29.84 -36.65 25.21
C LEU A 90 30.14 -37.32 26.55
N LYS A 91 31.37 -37.12 27.07
CA LYS A 91 31.77 -37.68 28.36
C LYS A 91 31.00 -37.04 29.52
N TYR A 92 30.82 -35.71 29.48
CA TYR A 92 29.94 -35.06 30.45
C TYR A 92 28.50 -35.57 30.31
N TYR A 93 28.06 -35.79 29.08
CA TYR A 93 26.73 -36.34 28.83
C TYR A 93 26.60 -37.74 29.42
N SER A 94 27.49 -38.65 29.02
CA SER A 94 27.39 -40.03 29.48
C SER A 94 27.41 -40.12 30.99
N ASN A 95 28.26 -39.32 31.64
CA ASN A 95 28.52 -39.43 33.07
C ASN A 95 27.57 -38.59 33.92
N ASP A 96 26.58 -37.96 33.28
CA ASP A 96 25.54 -37.19 33.94
C ASP A 96 26.04 -35.82 34.42
N GLU A 97 27.17 -35.34 33.92
CA GLU A 97 27.69 -34.04 34.34
C GLU A 97 27.21 -32.88 33.47
N LEU A 98 26.59 -33.16 32.31
CA LEU A 98 26.36 -32.13 31.30
C LEU A 98 25.33 -31.10 31.74
N ALA A 99 24.23 -31.53 32.38
CA ALA A 99 23.16 -30.61 32.75
C ALA A 99 23.61 -29.62 33.83
N GLY A 100 24.59 -29.99 34.64
CA GLY A 100 25.01 -29.11 35.72
C GLY A 100 25.94 -28.02 35.27
N ILE A 101 26.71 -28.28 34.21
CA ILE A 101 27.62 -27.27 33.68
C ILE A 101 26.83 -26.20 32.92
N VAL A 102 25.81 -26.60 32.15
CA VAL A 102 25.03 -25.64 31.36
C VAL A 102 24.12 -24.78 32.22
N ASN A 103 23.91 -25.14 33.48
CA ASN A 103 23.15 -24.32 34.40
C ASN A 103 24.03 -23.55 35.37
N GLU A 104 25.33 -23.79 35.35
CA GLU A 104 26.27 -23.01 36.14
C GLU A 104 26.15 -21.54 35.77
N SER A 105 25.90 -20.69 36.76
CA SER A 105 25.73 -19.28 36.47
C SER A 105 26.02 -18.45 37.70
N LYS A 106 26.64 -17.28 37.47
CA LYS A 106 26.88 -16.36 38.58
C LYS A 106 25.60 -15.67 39.03
N TYR A 107 24.57 -15.65 38.19
CA TYR A 107 23.32 -14.96 38.49
C TYR A 107 22.16 -15.93 38.30
N ASP A 108 20.97 -15.52 38.78
CA ASP A 108 19.76 -16.31 38.60
C ASP A 108 19.36 -16.40 37.12
N TYR A 109 19.44 -15.30 36.39
CA TYR A 109 19.02 -15.25 35.01
C TYR A 109 20.11 -14.66 34.12
N ASP A 110 20.19 -15.14 32.90
CA ASP A 110 21.07 -14.48 31.93
C ASP A 110 20.56 -13.11 31.55
N LEU A 111 19.25 -12.88 31.68
CA LEU A 111 18.58 -11.67 31.21
C LEU A 111 17.37 -11.45 32.09
N ILE A 112 17.20 -10.23 32.57
CA ILE A 112 15.97 -9.82 33.22
C ILE A 112 15.38 -8.67 32.42
N VAL A 113 14.13 -8.79 31.99
CA VAL A 113 13.43 -7.73 31.26
C VAL A 113 12.42 -7.10 32.22
N ILE A 114 12.55 -5.79 32.45
CA ILE A 114 11.64 -5.05 33.31
C ILE A 114 10.61 -4.37 32.40
N GLY A 115 9.41 -4.95 32.33
CA GLY A 115 8.31 -4.43 31.52
C GLY A 115 7.83 -5.37 30.44
N GLY A 116 6.58 -5.86 30.56
CA GLY A 116 6.01 -6.79 29.59
C GLY A 116 5.09 -6.21 28.52
N GLY A 117 5.63 -5.31 27.69
CA GLY A 117 4.89 -4.74 26.58
C GLY A 117 5.50 -5.10 25.24
N SER A 118 5.27 -4.27 24.23
CA SER A 118 5.65 -4.63 22.87
C SER A 118 7.14 -4.93 22.71
N GLY A 119 8.00 -4.15 23.38
CA GLY A 119 9.42 -4.42 23.28
C GLY A 119 9.91 -5.49 24.24
N GLY A 120 9.46 -5.43 25.50
CA GLY A 120 9.95 -6.37 26.50
C GLY A 120 9.55 -7.81 26.23
N LEU A 121 8.31 -8.05 25.82
CA LEU A 121 7.91 -9.39 25.44
C LEU A 121 8.72 -9.87 24.23
N ALA A 122 9.03 -8.97 23.31
CA ALA A 122 9.73 -9.39 22.11
C ALA A 122 11.20 -9.66 22.39
N ALA A 123 11.83 -8.86 23.25
CA ALA A 123 13.22 -9.15 23.64
C ALA A 123 13.32 -10.48 24.41
N GLY A 124 12.38 -10.71 25.35
CA GLY A 124 12.41 -11.94 26.12
C GLY A 124 12.29 -13.19 25.27
N LYS A 125 11.32 -13.21 24.35
CA LYS A 125 11.08 -14.43 23.58
C LYS A 125 12.27 -14.74 22.69
N GLU A 126 12.97 -13.71 22.22
CA GLU A 126 14.07 -13.95 21.30
C GLU A 126 15.32 -14.44 22.03
N ALA A 127 15.63 -13.86 23.20
CA ALA A 127 16.75 -14.35 23.98
C ALA A 127 16.57 -15.81 24.37
N ALA A 128 15.36 -16.19 24.79
CA ALA A 128 15.08 -17.56 25.23
C ALA A 128 15.40 -18.59 24.15
N LYS A 129 15.17 -18.24 22.89
CA LYS A 129 15.47 -19.12 21.75
C LYS A 129 16.95 -19.46 21.60
N TYR A 130 17.86 -18.65 22.16
CA TYR A 130 19.28 -18.95 22.03
C TYR A 130 19.88 -19.47 23.34
N GLY A 131 19.06 -20.00 24.23
CA GLY A 131 19.55 -20.61 25.45
C GLY A 131 19.59 -19.69 26.66
N ALA A 132 19.21 -18.43 26.53
CA ALA A 132 19.32 -17.49 27.64
C ALA A 132 18.25 -17.79 28.68
N LYS A 133 18.67 -18.03 29.91
CA LYS A 133 17.74 -18.12 31.01
C LYS A 133 17.12 -16.74 31.26
N THR A 134 15.80 -16.64 31.19
CA THR A 134 15.15 -15.35 30.97
C THR A 134 13.92 -15.18 31.84
N ALA A 135 13.78 -14.00 32.45
CA ALA A 135 12.58 -13.62 33.18
C ALA A 135 12.05 -12.31 32.62
N VAL A 136 10.73 -12.21 32.42
CA VAL A 136 10.11 -10.93 32.14
C VAL A 136 9.16 -10.56 33.27
N LEU A 137 9.22 -9.30 33.67
CA LEU A 137 8.41 -8.74 34.74
C LEU A 137 7.37 -7.83 34.12
N ASP A 138 6.17 -7.83 34.68
CA ASP A 138 5.14 -6.91 34.21
C ASP A 138 4.13 -6.69 35.32
N TYR A 139 3.75 -5.43 35.51
CA TYR A 139 2.78 -5.01 36.50
C TYR A 139 2.12 -3.75 35.95
N VAL A 140 0.82 -3.61 36.18
CA VAL A 140 0.04 -2.49 35.64
C VAL A 140 -0.47 -1.68 36.82
N GLU A 141 0.22 -0.59 37.16
CA GLU A 141 -0.29 0.34 38.17
C GLU A 141 -1.67 0.86 37.76
N PRO A 142 -2.72 0.69 38.58
CA PRO A 142 -4.06 1.16 38.17
C PRO A 142 -4.13 2.67 37.93
N THR A 143 -5.09 3.05 37.09
CA THR A 143 -5.44 4.44 36.86
C THR A 143 -6.04 5.03 38.13
N PRO A 144 -6.29 6.35 38.16
CA PRO A 144 -6.89 6.95 39.37
C PRO A 144 -8.24 6.37 39.77
N ILE A 145 -9.06 5.89 38.83
CA ILE A 145 -10.30 5.20 39.21
C ILE A 145 -10.10 3.69 39.33
N GLY A 146 -8.89 3.19 39.19
CA GLY A 146 -8.63 1.78 39.37
C GLY A 146 -8.63 0.90 38.13
N THR A 147 -8.69 1.45 36.92
CA THR A 147 -8.69 0.58 35.74
C THR A 147 -7.40 -0.20 35.67
N THR A 148 -7.50 -1.46 35.24
CA THR A 148 -6.34 -2.34 35.18
C THR A 148 -6.55 -3.37 34.08
N TRP A 149 -5.48 -4.05 33.67
CA TRP A 149 -5.52 -4.94 32.50
C TRP A 149 -4.39 -5.95 32.59
N GLY A 150 -4.26 -6.78 31.55
CA GLY A 150 -3.39 -7.93 31.55
C GLY A 150 -2.09 -7.75 30.76
N LEU A 151 -1.38 -8.87 30.62
CA LEU A 151 -0.08 -8.86 29.96
C LEU A 151 -0.20 -8.39 28.52
N GLY A 152 0.87 -7.73 28.05
CA GLY A 152 0.98 -7.32 26.66
C GLY A 152 1.37 -5.86 26.40
N GLY A 153 1.20 -5.00 27.40
CA GLY A 153 1.60 -3.61 27.29
C GLY A 153 0.49 -2.65 26.88
N THR A 154 0.93 -1.47 26.44
CA THR A 154 0.03 -0.35 26.20
C THR A 154 -0.77 -0.51 24.91
N CYS A 155 -0.08 -0.92 23.84
CA CYS A 155 -0.72 -1.11 22.53
C CYS A 155 -1.80 -2.20 22.59
N VAL A 156 -1.43 -3.39 23.04
CA VAL A 156 -2.38 -4.50 23.19
C VAL A 156 -3.62 -4.06 23.96
N ASN A 157 -3.44 -3.47 25.14
CA ASN A 157 -4.55 -3.25 26.09
C ASN A 157 -5.22 -1.89 25.99
N VAL A 158 -4.48 -0.79 25.78
CA VAL A 158 -5.08 0.53 25.87
C VAL A 158 -4.49 1.44 24.80
N GLY A 159 -4.01 0.86 23.70
CA GLY A 159 -3.38 1.60 22.63
C GLY A 159 -3.83 1.18 21.23
N CYS A 160 -2.89 0.77 20.37
CA CYS A 160 -3.17 0.58 18.95
C CYS A 160 -4.27 -0.44 18.66
N ILE A 161 -4.43 -1.48 19.49
CA ILE A 161 -5.36 -2.56 19.17
C ILE A 161 -6.81 -2.14 19.48
N PRO A 162 -7.17 -1.71 20.69
CA PRO A 162 -8.57 -1.30 20.87
C PRO A 162 -8.93 -0.01 20.16
N LYS A 163 -7.97 0.88 19.85
CA LYS A 163 -8.37 2.11 19.17
C LYS A 163 -8.64 1.90 17.69
N LYS A 164 -7.91 1.00 17.02
CA LYS A 164 -8.20 0.72 15.62
C LYS A 164 -9.46 -0.13 15.43
N LEU A 165 -9.78 -0.98 16.42
CA LEU A 165 -11.07 -1.66 16.37
C LEU A 165 -12.21 -0.64 16.50
N MET A 166 -12.04 0.31 17.41
CA MET A 166 -13.03 1.38 17.58
C MET A 166 -13.06 2.29 16.35
N HIS A 167 -11.89 2.66 15.81
CA HIS A 167 -11.85 3.31 14.49
C HIS A 167 -12.72 2.58 13.50
N GLN A 168 -12.60 1.24 13.46
CA GLN A 168 -13.33 0.43 12.48
C GLN A 168 -14.83 0.43 12.75
N ALA A 169 -15.26 0.40 14.01
CA ALA A 169 -16.69 0.60 14.29
C ALA A 169 -17.19 1.89 13.65
N GLY A 170 -16.38 2.95 13.75
CA GLY A 170 -16.80 4.25 13.21
C GLY A 170 -16.82 4.29 11.69
N LEU A 171 -15.85 3.65 11.03
CA LEU A 171 -15.84 3.61 9.57
C LEU A 171 -17.06 2.86 9.04
N LEU A 172 -17.46 1.79 9.74
CA LEU A 172 -18.59 1.00 9.28
C LEU A 172 -19.87 1.82 9.22
N SER A 173 -19.89 3.01 9.82
CA SER A 173 -21.10 3.82 9.81
C SER A 173 -21.33 4.46 8.45
N HIS A 174 -20.25 4.95 7.82
CA HIS A 174 -20.36 5.47 6.47
C HIS A 174 -20.53 4.35 5.46
N ALA A 175 -20.07 3.13 5.78
CA ALA A 175 -20.37 1.99 4.93
C ALA A 175 -21.88 1.69 4.90
N LEU A 176 -22.57 1.91 6.03
CA LEU A 176 -24.03 1.80 6.08
C LEU A 176 -24.70 2.92 5.28
N GLU A 177 -24.12 4.13 5.27
CA GLU A 177 -24.58 5.19 4.38
C GLU A 177 -24.36 4.80 2.92
N ASP A 178 -23.15 4.35 2.58
CA ASP A 178 -22.80 4.12 1.18
C ASP A 178 -23.56 2.94 0.60
N ALA A 179 -23.96 1.97 1.43
CA ALA A 179 -24.61 0.76 0.94
C ALA A 179 -25.89 1.07 0.16
N GLU A 180 -26.70 2.04 0.63
CA GLU A 180 -27.95 2.35 -0.06
C GLU A 180 -27.72 2.81 -1.49
N HIS A 181 -26.67 3.61 -1.74
CA HIS A 181 -26.49 4.13 -3.09
C HIS A 181 -26.05 3.03 -4.06
N PHE A 182 -25.41 1.97 -3.58
CA PHE A 182 -25.01 0.84 -4.40
C PHE A 182 -26.11 -0.19 -4.56
N GLY A 183 -27.32 0.10 -4.05
CA GLY A 183 -28.52 -0.68 -4.30
C GLY A 183 -29.08 -1.50 -3.14
N TRP A 184 -28.54 -1.43 -1.92
CA TRP A 184 -29.05 -2.23 -0.81
C TRP A 184 -30.20 -1.52 -0.09
N SER A 185 -31.15 -2.32 0.38
CA SER A 185 -32.45 -1.84 0.87
C SER A 185 -32.39 -1.09 2.21
N LEU A 186 -31.29 -1.16 2.95
CA LEU A 186 -31.28 -0.65 4.31
C LEU A 186 -31.46 0.86 4.37
N ASP A 187 -31.91 1.34 5.53
CA ASP A 187 -32.06 2.76 5.83
C ASP A 187 -31.16 3.13 7.00
N ARG A 188 -30.02 3.77 6.70
CA ARG A 188 -29.08 4.19 7.73
C ARG A 188 -29.77 4.98 8.84
N SER A 189 -30.76 5.80 8.48
CA SER A 189 -31.38 6.74 9.40
C SER A 189 -32.15 6.07 10.53
N LYS A 190 -32.36 4.76 10.50
CA LYS A 190 -33.01 4.11 11.63
C LYS A 190 -32.14 2.99 12.22
N ILE A 191 -30.83 3.16 12.19
CA ILE A 191 -29.89 2.26 12.84
C ILE A 191 -29.12 3.08 13.86
N SER A 192 -28.91 2.50 15.04
CA SER A 192 -28.17 3.14 16.10
C SER A 192 -27.00 2.24 16.49
N HIS A 193 -26.15 2.73 17.38
CA HIS A 193 -24.96 2.00 17.82
C HIS A 193 -25.01 1.77 19.33
N ASN A 194 -24.70 0.54 19.77
CA ASN A 194 -24.66 0.16 21.18
C ASN A 194 -23.21 0.05 21.64
N TRP A 195 -22.82 0.96 22.54
CA TRP A 195 -21.43 1.04 23.00
C TRP A 195 -21.00 -0.21 23.76
N SER A 196 -21.77 -0.63 24.76
CA SER A 196 -21.28 -1.72 25.59
C SER A 196 -21.13 -3.02 24.78
N THR A 197 -21.97 -3.22 23.76
CA THR A 197 -21.78 -4.39 22.88
C THR A 197 -20.43 -4.34 22.19
N MET A 198 -20.01 -3.15 21.79
CA MET A 198 -18.72 -2.98 21.11
C MET A 198 -17.56 -3.23 22.07
N VAL A 199 -17.62 -2.62 23.27
CA VAL A 199 -16.59 -2.84 24.29
C VAL A 199 -16.44 -4.33 24.58
N GLU A 200 -17.55 -5.07 24.66
CA GLU A 200 -17.48 -6.51 24.91
C GLU A 200 -16.63 -7.23 23.86
N GLY A 201 -16.92 -7.00 22.57
CA GLY A 201 -16.16 -7.65 21.53
C GLY A 201 -14.69 -7.27 21.52
N VAL A 202 -14.40 -5.99 21.78
CA VAL A 202 -13.01 -5.52 21.81
C VAL A 202 -12.26 -6.16 22.97
N GLN A 203 -12.87 -6.17 24.16
CA GLN A 203 -12.21 -6.73 25.32
C GLN A 203 -12.02 -8.23 25.16
N SER A 204 -13.00 -8.90 24.54
CA SER A 204 -12.88 -10.32 24.27
C SER A 204 -11.64 -10.60 23.44
N HIS A 205 -11.34 -9.74 22.45
CA HIS A 205 -10.14 -9.94 21.66
C HIS A 205 -8.88 -9.60 22.46
N ILE A 206 -8.94 -8.57 23.31
CA ILE A 206 -7.77 -8.21 24.13
C ILE A 206 -7.44 -9.33 25.10
N GLY A 207 -8.47 -9.91 25.75
CA GLY A 207 -8.25 -11.03 26.64
C GLY A 207 -7.63 -12.23 25.93
N SER A 208 -7.94 -12.41 24.64
CA SER A 208 -7.29 -13.51 23.93
C SER A 208 -5.81 -13.20 23.66
N LEU A 209 -5.43 -11.93 23.59
CA LEU A 209 -4.02 -11.62 23.48
C LEU A 209 -3.32 -11.73 24.82
N ASN A 210 -4.00 -11.31 25.91
CA ASN A 210 -3.47 -11.57 27.25
C ASN A 210 -3.14 -13.05 27.42
N TRP A 211 -4.04 -13.92 26.95
CA TRP A 211 -3.84 -15.36 27.11
C TRP A 211 -2.74 -15.88 26.20
N GLY A 212 -2.74 -15.44 24.95
CA GLY A 212 -1.71 -15.85 24.00
C GLY A 212 -0.29 -15.58 24.47
N TYR A 213 -0.03 -14.38 25.04
CA TYR A 213 1.34 -14.07 25.49
C TYR A 213 1.76 -14.94 26.68
N LYS A 214 0.86 -15.14 27.66
CA LYS A 214 1.16 -16.08 28.75
C LYS A 214 1.47 -17.47 28.22
N VAL A 215 0.67 -17.96 27.26
CA VAL A 215 0.93 -19.26 26.66
C VAL A 215 2.28 -19.27 25.98
N ALA A 216 2.65 -18.15 25.35
CA ALA A 216 3.89 -18.10 24.57
C ALA A 216 5.13 -18.00 25.45
N LEU A 217 5.07 -17.38 26.63
CA LEU A 217 6.24 -17.40 27.50
C LEU A 217 6.41 -18.77 28.14
N ARG A 218 5.32 -19.40 28.53
CA ARG A 218 5.40 -20.77 29.03
C ARG A 218 6.09 -21.70 28.03
N ASP A 219 5.83 -21.54 26.74
CA ASP A 219 6.37 -22.47 25.76
C ASP A 219 7.79 -22.13 25.32
N ASN A 220 8.30 -20.96 25.63
CA ASN A 220 9.72 -20.65 25.48
C ASN A 220 10.48 -20.73 26.80
N GLN A 221 9.86 -21.26 27.86
CA GLN A 221 10.53 -21.42 29.16
C GLN A 221 11.01 -20.07 29.69
N VAL A 222 10.20 -19.04 29.53
CA VAL A 222 10.43 -17.73 30.13
C VAL A 222 9.67 -17.66 31.43
N THR A 223 10.34 -17.26 32.51
CA THR A 223 9.64 -17.04 33.77
C THR A 223 8.86 -15.74 33.68
N TYR A 224 7.56 -15.81 33.89
CA TYR A 224 6.71 -14.63 33.95
C TYR A 224 6.35 -14.33 35.40
N LEU A 225 6.96 -13.27 35.96
CA LEU A 225 6.62 -12.74 37.27
C LEU A 225 5.72 -11.52 37.09
N ASN A 226 4.49 -11.59 37.60
CA ASN A 226 3.57 -10.45 37.58
C ASN A 226 3.85 -9.60 38.81
N ALA A 227 4.93 -8.81 38.71
CA ALA A 227 5.49 -8.11 39.85
C ALA A 227 6.15 -6.83 39.40
N LYS A 228 6.16 -5.82 40.29
CA LYS A 228 6.81 -4.55 40.01
C LYS A 228 8.30 -4.65 40.31
N GLY A 229 9.13 -4.23 39.36
CA GLY A 229 10.58 -4.41 39.43
C GLY A 229 11.32 -3.10 39.66
N ARG A 230 12.50 -3.19 40.30
CA ARG A 230 13.32 -2.01 40.61
C ARG A 230 14.80 -2.36 40.55
N LEU A 231 15.54 -1.69 39.68
CA LEU A 231 16.98 -1.90 39.57
C LEU A 231 17.69 -1.22 40.72
N ILE A 232 18.09 -2.00 41.74
CA ILE A 232 18.80 -1.47 42.89
C ILE A 232 20.32 -1.44 42.71
N SER A 233 20.86 -2.29 41.85
CA SER A 233 22.28 -2.36 41.52
C SER A 233 22.39 -2.94 40.11
N PRO A 234 23.55 -2.84 39.47
CA PRO A 234 23.64 -3.27 38.06
C PRO A 234 23.14 -4.67 37.76
N HIS A 235 23.11 -5.58 38.73
CA HIS A 235 22.68 -6.95 38.50
C HIS A 235 21.57 -7.40 39.46
N GLU A 236 21.04 -6.51 40.29
CA GLU A 236 20.06 -6.88 41.30
C GLU A 236 18.74 -6.18 41.01
N VAL A 237 17.66 -6.96 40.91
CA VAL A 237 16.34 -6.41 40.68
C VAL A 237 15.46 -6.76 41.86
N GLN A 238 14.93 -5.74 42.53
CA GLN A 238 14.04 -5.89 43.67
C GLN A 238 12.61 -5.99 43.14
N ILE A 239 11.92 -7.08 43.48
CA ILE A 239 10.57 -7.33 42.97
C ILE A 239 9.58 -7.33 44.13
N THR A 240 8.32 -6.98 43.82
CA THR A 240 7.27 -6.86 44.82
C THR A 240 6.01 -7.57 44.34
N ASP A 241 5.47 -8.45 45.18
CA ASP A 241 4.33 -9.32 44.89
C ASP A 241 3.00 -8.56 44.83
N LYS A 242 1.98 -9.25 44.32
CA LYS A 242 0.60 -8.83 44.56
C LYS A 242 0.21 -8.96 46.02
N ASN A 243 0.92 -9.80 46.78
CA ASN A 243 0.77 -9.89 48.22
C ASN A 243 1.73 -8.99 48.97
N GLN A 244 2.54 -8.21 48.25
CA GLN A 244 3.52 -7.23 48.73
C GLN A 244 4.87 -7.86 49.04
N LYS A 245 5.04 -9.18 48.90
CA LYS A 245 6.29 -9.81 49.35
C LYS A 245 7.48 -9.34 48.50
N VAL A 246 8.51 -8.79 49.17
CA VAL A 246 9.67 -8.21 48.51
C VAL A 246 10.80 -9.24 48.46
N SER A 247 11.52 -9.27 47.34
CA SER A 247 12.61 -10.23 47.12
C SER A 247 13.57 -9.65 46.09
N THR A 248 14.79 -10.21 46.04
CA THR A 248 15.82 -9.72 45.13
C THR A 248 16.25 -10.87 44.22
N ILE A 249 16.10 -10.66 42.91
CA ILE A 249 16.64 -11.59 41.92
C ILE A 249 17.82 -10.92 41.24
N THR A 250 18.66 -11.77 40.66
CA THR A 250 19.90 -11.37 40.03
C THR A 250 19.84 -11.72 38.55
N GLY A 251 20.46 -10.89 37.73
CA GLY A 251 20.56 -11.18 36.31
C GLY A 251 21.85 -10.63 35.75
N ASN A 252 22.39 -11.33 34.76
CA ASN A 252 23.60 -10.87 34.07
C ASN A 252 23.34 -9.61 33.24
N LYS A 253 22.39 -9.68 32.30
CA LYS A 253 22.01 -8.56 31.46
C LYS A 253 20.61 -8.09 31.85
N ILE A 254 20.41 -6.78 31.90
CA ILE A 254 19.12 -6.19 32.21
C ILE A 254 18.67 -5.35 31.02
N ILE A 255 17.40 -5.49 30.63
CA ILE A 255 16.75 -4.66 29.63
C ILE A 255 15.60 -3.90 30.30
N LEU A 256 15.64 -2.58 30.22
CA LEU A 256 14.60 -1.72 30.74
C LEU A 256 13.60 -1.39 29.62
N ALA A 257 12.33 -1.70 29.86
CA ALA A 257 11.30 -1.61 28.82
C ALA A 257 9.94 -1.34 29.46
N THR A 258 9.86 -0.27 30.26
CA THR A 258 8.74 -0.04 31.15
C THR A 258 7.68 0.91 30.58
N GLY A 259 7.95 1.54 29.43
CA GLY A 259 6.98 2.38 28.75
C GLY A 259 6.58 3.64 29.50
N GLU A 260 5.38 4.13 29.17
CA GLU A 260 4.88 5.42 29.62
C GLU A 260 3.42 5.28 30.03
N ARG A 261 2.89 6.33 30.64
CA ARG A 261 1.51 6.44 31.06
C ARG A 261 1.03 7.87 30.76
N PRO A 262 -0.28 8.09 30.71
CA PRO A 262 -0.79 9.43 30.36
C PRO A 262 -0.53 10.50 31.44
N LYS A 263 -0.34 11.75 30.99
CA LYS A 263 -0.27 12.93 31.85
C LYS A 263 -1.64 13.51 32.17
N TYR A 264 -1.71 14.25 33.28
CA TYR A 264 -2.85 15.06 33.68
C TYR A 264 -2.42 16.49 33.92
N PRO A 265 -3.19 17.48 33.47
CA PRO A 265 -2.86 18.86 33.82
C PRO A 265 -3.07 19.12 35.31
N GLU A 266 -2.26 20.01 35.87
CA GLU A 266 -2.42 20.38 37.27
C GLU A 266 -3.50 21.45 37.39
N ILE A 267 -4.74 20.99 37.39
CA ILE A 267 -5.90 21.86 37.64
C ILE A 267 -6.84 21.13 38.57
N PRO A 268 -7.72 21.88 39.26
CA PRO A 268 -8.67 21.21 40.17
C PRO A 268 -9.67 20.38 39.38
N GLY A 269 -9.94 19.17 39.87
CA GLY A 269 -10.94 18.31 39.26
C GLY A 269 -10.44 17.39 38.15
N ALA A 270 -9.20 17.57 37.68
CA ALA A 270 -8.68 16.76 36.59
C ALA A 270 -8.61 15.28 36.97
N VAL A 271 -7.79 14.95 37.98
CA VAL A 271 -7.63 13.57 38.44
C VAL A 271 -8.92 13.01 39.03
N GLU A 272 -9.71 13.85 39.70
CA GLU A 272 -10.90 13.36 40.39
C GLU A 272 -12.02 13.02 39.41
N TYR A 273 -12.32 13.89 38.44
CA TYR A 273 -13.50 13.71 37.63
C TYR A 273 -13.25 13.38 36.15
N GLY A 274 -12.02 13.56 35.63
CA GLY A 274 -11.72 13.21 34.26
C GLY A 274 -11.07 11.84 34.13
N ILE A 275 -11.03 11.35 32.87
CA ILE A 275 -10.35 10.09 32.55
C ILE A 275 -9.28 10.32 31.47
N THR A 276 -8.54 9.27 31.14
CA THR A 276 -7.62 9.27 30.01
C THR A 276 -7.94 8.07 29.13
N SER A 277 -7.21 7.99 28.00
CA SER A 277 -7.33 6.85 27.11
C SER A 277 -7.16 5.51 27.85
N ASP A 278 -6.29 5.47 28.86
CA ASP A 278 -6.15 4.29 29.74
C ASP A 278 -7.49 3.70 30.19
N ASP A 279 -8.52 4.55 30.42
CA ASP A 279 -9.83 4.11 30.90
C ASP A 279 -10.87 3.99 29.79
N LEU A 280 -10.68 4.71 28.67
CA LEU A 280 -11.72 4.82 27.66
C LEU A 280 -12.03 3.47 27.02
N PHE A 281 -10.99 2.67 26.74
CA PHE A 281 -11.18 1.45 25.98
C PHE A 281 -11.86 0.31 26.75
N SER A 282 -12.12 0.44 28.07
CA SER A 282 -12.90 -0.57 28.78
C SER A 282 -14.09 0.02 29.55
N LEU A 283 -14.47 1.26 29.25
CA LEU A 283 -15.50 1.98 30.00
C LEU A 283 -16.86 1.28 29.91
N PRO A 284 -17.55 1.04 31.02
CA PRO A 284 -18.81 0.28 30.95
C PRO A 284 -19.98 1.03 30.34
N TYR A 285 -20.00 2.36 30.37
CA TYR A 285 -21.08 3.17 29.79
C TYR A 285 -20.55 4.01 28.64
N PHE A 286 -21.46 4.43 27.77
CA PHE A 286 -21.10 5.32 26.67
C PHE A 286 -20.71 6.69 27.24
N PRO A 287 -19.58 7.27 26.80
CA PRO A 287 -19.15 8.55 27.40
C PRO A 287 -20.18 9.64 27.33
N GLY A 288 -21.08 9.62 26.34
CA GLY A 288 -22.05 10.68 26.18
C GLY A 288 -21.42 11.93 25.58
N LYS A 289 -21.98 13.08 25.95
CA LYS A 289 -21.41 14.36 25.53
C LYS A 289 -20.03 14.54 26.15
N THR A 290 -19.01 14.59 25.28
CA THR A 290 -17.61 14.43 25.66
C THR A 290 -16.80 15.63 25.24
N LEU A 291 -15.96 16.09 26.14
CA LEU A 291 -14.93 17.07 25.83
C LEU A 291 -13.59 16.35 25.83
N VAL A 292 -12.87 16.41 24.71
CA VAL A 292 -11.51 15.88 24.63
C VAL A 292 -10.54 17.05 24.72
N ILE A 293 -9.63 16.98 25.69
CA ILE A 293 -8.68 18.05 25.96
C ILE A 293 -7.33 17.60 25.43
N GLY A 294 -6.85 18.28 24.39
CA GLY A 294 -5.64 17.90 23.70
C GLY A 294 -5.77 17.95 22.19
N ALA A 295 -4.68 17.65 21.48
CA ALA A 295 -4.60 17.88 20.04
C ALA A 295 -3.61 16.94 19.37
N SER A 296 -3.12 15.93 20.10
CA SER A 296 -2.23 14.91 19.59
C SER A 296 -3.02 13.87 18.79
N TYR A 297 -2.31 12.86 18.28
CA TYR A 297 -3.00 11.83 17.52
C TYR A 297 -3.93 10.99 18.40
N VAL A 298 -3.58 10.76 19.67
CA VAL A 298 -4.51 10.07 20.57
C VAL A 298 -5.81 10.85 20.69
N ALA A 299 -5.73 12.15 20.97
CA ALA A 299 -6.90 13.00 21.16
C ALA A 299 -7.77 13.04 19.92
N LEU A 300 -7.14 13.29 18.76
CA LEU A 300 -7.90 13.36 17.50
C LEU A 300 -8.48 12.02 17.11
N GLU A 301 -7.69 10.93 17.24
CA GLU A 301 -8.19 9.61 16.87
C GLU A 301 -9.40 9.24 17.70
N CYS A 302 -9.31 9.43 19.04
CA CYS A 302 -10.44 9.10 19.91
C CYS A 302 -11.66 9.99 19.61
N ALA A 303 -11.46 11.31 19.44
CA ALA A 303 -12.58 12.18 19.13
C ALA A 303 -13.22 11.81 17.82
N GLY A 304 -12.43 11.27 16.88
CA GLY A 304 -12.97 10.87 15.59
C GLY A 304 -14.00 9.75 15.68
N PHE A 305 -13.66 8.64 16.36
CA PHE A 305 -14.62 7.52 16.31
C PHE A 305 -15.81 7.74 17.23
N LEU A 306 -15.63 8.49 18.33
CA LEU A 306 -16.77 8.84 19.18
C LEU A 306 -17.80 9.64 18.38
N ALA A 307 -17.32 10.48 17.46
CA ALA A 307 -18.24 11.23 16.62
C ALA A 307 -18.94 10.33 15.61
N SER A 308 -18.22 9.37 15.03
CA SER A 308 -18.83 8.49 14.04
C SER A 308 -19.85 7.56 14.67
N LEU A 309 -19.71 7.28 15.97
CA LEU A 309 -20.65 6.45 16.72
C LEU A 309 -21.80 7.25 17.32
N GLY A 310 -22.01 8.49 16.87
CA GLY A 310 -23.17 9.28 17.22
C GLY A 310 -22.95 10.33 18.29
N GLY A 311 -21.85 10.26 19.05
CA GLY A 311 -21.69 11.11 20.20
C GLY A 311 -21.47 12.57 19.86
N ASP A 312 -21.79 13.43 20.83
CA ASP A 312 -21.60 14.88 20.77
C ASP A 312 -20.22 15.18 21.34
N VAL A 313 -19.31 15.69 20.51
CA VAL A 313 -17.88 15.62 20.76
C VAL A 313 -17.22 16.98 20.47
N THR A 314 -16.45 17.48 21.43
CA THR A 314 -15.75 18.76 21.31
C THR A 314 -14.27 18.55 21.63
N VAL A 315 -13.39 19.23 20.91
CA VAL A 315 -11.94 19.13 21.14
C VAL A 315 -11.37 20.50 21.47
N MET A 316 -10.68 20.60 22.63
CA MET A 316 -10.02 21.81 23.09
C MET A 316 -8.56 21.85 22.66
N VAL A 317 -8.20 22.83 21.83
CA VAL A 317 -6.88 22.95 21.21
C VAL A 317 -6.16 24.13 21.86
N ARG A 318 -5.02 23.86 22.51
CA ARG A 318 -4.19 24.90 23.10
C ARG A 318 -3.54 25.78 22.02
N SER A 319 -2.81 25.18 21.06
CA SER A 319 -2.24 25.92 19.93
C SER A 319 -2.56 25.28 18.59
N ILE A 320 -1.91 24.17 18.23
CA ILE A 320 -2.07 23.57 16.91
C ILE A 320 -2.43 22.09 17.03
N LEU A 321 -2.90 21.51 15.92
CA LEU A 321 -3.11 20.07 15.82
C LEU A 321 -1.80 19.38 15.42
N LEU A 322 -1.55 18.21 16.00
CA LEU A 322 -0.49 17.30 15.56
C LEU A 322 0.86 18.01 15.45
N ARG A 323 1.32 18.55 16.56
CA ARG A 323 2.63 19.21 16.59
C ARG A 323 3.72 18.21 16.22
N GLY A 324 4.60 18.59 15.30
CA GLY A 324 5.66 17.74 14.85
C GLY A 324 5.41 17.07 13.51
N PHE A 325 4.16 16.97 13.08
CA PHE A 325 3.79 16.48 11.75
C PHE A 325 3.59 17.67 10.81
N ASP A 326 3.71 17.38 9.51
CA ASP A 326 3.45 18.35 8.45
C ASP A 326 2.13 19.10 8.69
N GLN A 327 2.21 20.45 8.80
CA GLN A 327 1.09 21.24 9.27
C GLN A 327 0.02 21.51 8.20
N GLN A 328 0.35 21.43 6.90
CA GLN A 328 -0.71 21.44 5.91
C GLN A 328 -1.57 20.18 5.99
N MET A 329 -0.93 19.02 6.18
CA MET A 329 -1.73 17.80 6.32
C MET A 329 -2.54 17.82 7.61
N ALA A 330 -1.93 18.26 8.72
CA ALA A 330 -2.66 18.42 9.98
C ALA A 330 -3.92 19.24 9.80
N GLU A 331 -3.85 20.34 9.05
CA GLU A 331 -5.01 21.20 8.88
C GLU A 331 -6.06 20.55 7.95
N LYS A 332 -5.62 19.83 6.91
CA LYS A 332 -6.58 19.09 6.09
C LYS A 332 -7.29 18.01 6.90
N VAL A 333 -6.55 17.33 7.80
CA VAL A 333 -7.13 16.36 8.72
C VAL A 333 -8.17 17.05 9.61
N GLY A 334 -7.83 18.22 10.13
CA GLY A 334 -8.74 18.94 11.01
C GLY A 334 -10.00 19.41 10.30
N ASP A 335 -9.85 19.94 9.08
CA ASP A 335 -10.99 20.46 8.32
C ASP A 335 -11.99 19.35 8.00
N TYR A 336 -11.49 18.15 7.71
CA TYR A 336 -12.39 17.02 7.48
C TYR A 336 -13.22 16.72 8.73
N MET A 337 -12.57 16.58 9.90
CA MET A 337 -13.35 16.30 11.12
C MET A 337 -14.36 17.42 11.40
N GLU A 338 -13.94 18.68 11.29
CA GLU A 338 -14.85 19.76 11.62
C GLU A 338 -16.06 19.78 10.67
N ASN A 339 -15.87 19.36 9.43
CA ASN A 339 -16.95 19.22 8.48
C ASN A 339 -17.82 18.01 8.71
N HIS A 340 -17.41 17.08 9.57
CA HIS A 340 -18.14 15.83 9.78
C HIS A 340 -18.46 15.60 11.27
N GLY A 341 -18.99 16.62 11.97
CA GLY A 341 -19.42 16.40 13.33
C GLY A 341 -18.58 17.04 14.42
N VAL A 342 -17.29 16.68 14.49
CA VAL A 342 -16.42 17.10 15.59
C VAL A 342 -16.40 18.63 15.75
N LYS A 343 -16.61 19.10 16.98
CA LYS A 343 -16.54 20.53 17.26
C LYS A 343 -15.23 20.87 17.95
N PHE A 344 -14.74 22.07 17.70
CA PHE A 344 -13.42 22.48 18.16
C PHE A 344 -13.51 23.81 18.91
N ALA A 345 -12.88 23.87 20.09
CA ALA A 345 -12.65 25.11 20.83
C ALA A 345 -11.19 25.50 20.66
N LYS A 346 -10.94 26.51 19.84
CA LYS A 346 -9.60 26.77 19.32
C LYS A 346 -8.90 27.84 20.14
N LEU A 347 -7.60 27.65 20.35
CA LEU A 347 -6.78 28.54 21.17
C LEU A 347 -7.39 28.68 22.57
N CYS A 348 -7.59 27.53 23.20
CA CYS A 348 -8.33 27.44 24.44
C CYS A 348 -7.66 26.44 25.38
N VAL A 349 -7.85 26.65 26.67
CA VAL A 349 -7.11 25.94 27.70
C VAL A 349 -8.06 25.76 28.89
N PRO A 350 -7.97 24.66 29.65
CA PRO A 350 -8.91 24.44 30.75
C PRO A 350 -8.39 24.92 32.10
N ASP A 351 -9.29 25.42 32.98
CA ASP A 351 -8.85 25.90 34.29
C ASP A 351 -9.35 25.07 35.48
N GLU A 352 -10.53 24.46 35.39
CA GLU A 352 -10.96 23.58 36.47
C GLU A 352 -12.12 22.73 35.98
N ILE A 353 -12.25 21.53 36.56
CA ILE A 353 -13.42 20.67 36.39
C ILE A 353 -14.18 20.64 37.72
N LYS A 354 -15.48 20.95 37.65
CA LYS A 354 -16.39 20.86 38.80
C LYS A 354 -17.36 19.70 38.57
N GLN A 355 -17.79 19.05 39.65
CA GLN A 355 -18.66 17.87 39.56
C GLN A 355 -20.11 18.24 39.88
N LEU A 356 -21.01 17.97 38.93
CA LEU A 356 -22.43 18.22 39.09
C LEU A 356 -23.25 16.96 39.36
N LYS A 357 -22.85 15.82 38.78
CA LYS A 357 -23.40 14.50 39.12
C LYS A 357 -22.26 13.51 39.26
N VAL A 358 -22.46 12.51 40.09
CA VAL A 358 -21.51 11.42 40.28
C VAL A 358 -21.86 10.30 39.31
N VAL A 359 -20.83 9.52 38.91
CA VAL A 359 -21.06 8.39 38.02
C VAL A 359 -22.04 7.42 38.67
N ASP A 360 -23.12 7.11 37.94
CA ASP A 360 -24.17 6.19 38.36
C ASP A 360 -23.75 4.77 38.01
N THR A 361 -23.08 4.08 38.95
CA THR A 361 -22.64 2.70 38.71
C THR A 361 -23.84 1.76 38.56
N GLU A 362 -24.83 1.87 39.44
CA GLU A 362 -26.03 1.05 39.37
C GLU A 362 -26.56 1.04 37.95
N ASN A 363 -27.27 2.09 37.56
CA ASN A 363 -27.93 2.17 36.25
C ASN A 363 -26.95 2.32 35.07
N ASN A 364 -25.65 2.28 35.31
CA ASN A 364 -24.64 2.26 34.24
C ASN A 364 -24.70 3.55 33.40
N LYS A 365 -24.43 4.68 34.05
CA LYS A 365 -24.52 5.95 33.35
C LYS A 365 -23.37 6.87 33.76
N PRO A 366 -22.90 7.72 32.85
CA PRO A 366 -21.84 8.67 33.22
C PRO A 366 -22.36 9.73 34.18
N GLY A 367 -21.42 10.49 34.76
CA GLY A 367 -21.75 11.60 35.64
C GLY A 367 -22.14 12.85 34.87
N LEU A 368 -21.83 14.01 35.46
CA LEU A 368 -22.04 15.30 34.81
C LEU A 368 -21.02 16.31 35.35
N LEU A 369 -20.49 17.17 34.49
CA LEU A 369 -19.36 18.00 34.84
C LEU A 369 -19.48 19.39 34.22
N LEU A 370 -18.97 20.38 34.94
CA LEU A 370 -18.83 21.74 34.42
C LEU A 370 -17.36 21.99 34.15
N VAL A 371 -17.04 22.47 32.96
CA VAL A 371 -15.67 22.73 32.56
C VAL A 371 -15.51 24.23 32.36
N LYS A 372 -14.50 24.81 33.00
CA LYS A 372 -14.25 26.24 32.97
C LYS A 372 -12.84 26.53 32.45
N GLY A 373 -12.72 27.46 31.51
CA GLY A 373 -11.41 27.85 31.01
C GLY A 373 -11.41 29.18 30.29
N HIS A 374 -10.32 29.46 29.57
CA HIS A 374 -10.19 30.72 28.83
C HIS A 374 -9.48 30.53 27.49
N TYR A 375 -9.82 31.41 26.55
CA TYR A 375 -9.15 31.53 25.27
C TYR A 375 -7.92 32.46 25.38
N THR A 376 -7.03 32.38 24.40
CA THR A 376 -5.76 33.11 24.53
C THR A 376 -5.93 34.62 24.60
N ASP A 377 -7.06 35.16 24.14
CA ASP A 377 -7.34 36.59 24.20
C ASP A 377 -8.02 37.02 25.49
N GLY A 378 -8.32 36.08 26.39
CA GLY A 378 -8.93 36.37 27.67
C GLY A 378 -10.38 35.98 27.79
N LYS A 379 -11.13 35.90 26.68
CA LYS A 379 -12.56 35.56 26.74
C LYS A 379 -12.77 34.24 27.49
N LYS A 380 -13.98 33.99 27.99
CA LYS A 380 -14.18 32.87 28.89
C LYS A 380 -14.76 31.65 28.17
N PHE A 381 -14.47 30.48 28.72
CA PHE A 381 -15.05 29.21 28.31
C PHE A 381 -15.73 28.60 29.53
N GLU A 382 -17.00 28.20 29.36
CA GLU A 382 -17.70 27.51 30.46
C GLU A 382 -18.52 26.32 29.93
N GLU A 384 -20.42 22.52 30.21
CA GLU A 384 -21.03 21.23 30.63
C GLU A 384 -20.84 20.01 29.69
N PHE A 385 -20.31 18.90 30.23
CA PHE A 385 -20.14 17.64 29.52
C PHE A 385 -20.33 16.48 30.49
N GLU A 386 -20.58 15.30 29.93
CA GLU A 386 -20.68 14.13 30.79
C GLU A 386 -19.34 13.43 30.99
N THR A 387 -18.39 13.58 30.06
CA THR A 387 -17.08 12.94 30.12
C THR A 387 -15.99 13.90 29.65
N VAL A 388 -14.89 13.96 30.39
CA VAL A 388 -13.75 14.75 29.97
C VAL A 388 -12.57 13.79 29.87
N ILE A 389 -12.06 13.64 28.65
CA ILE A 389 -10.90 12.79 28.37
C ILE A 389 -9.70 13.69 28.17
N PHE A 390 -8.70 13.54 29.04
CA PHE A 390 -7.44 14.25 28.91
C PHE A 390 -6.48 13.45 28.04
N ALA A 391 -5.96 14.09 26.99
CA ALA A 391 -4.94 13.50 26.15
C ALA A 391 -3.88 14.57 25.90
N VAL A 392 -3.09 14.87 26.94
CA VAL A 392 -2.14 15.98 26.90
C VAL A 392 -0.70 15.48 26.99
N GLY A 393 -0.47 14.24 26.56
CA GLY A 393 0.86 13.69 26.46
C GLY A 393 1.07 12.51 27.41
N ARG A 394 2.27 11.94 27.31
CA ARG A 394 2.66 10.72 28.01
C ARG A 394 4.08 10.88 28.49
N GLU A 395 4.45 10.11 29.51
CA GLU A 395 5.74 10.31 30.15
C GLU A 395 6.15 9.06 30.92
N PRO A 396 7.45 8.78 31.01
CA PRO A 396 7.91 7.67 31.85
C PRO A 396 7.97 8.07 33.31
N GLN A 397 8.05 7.08 34.17
CA GLN A 397 8.15 7.35 35.61
C GLN A 397 9.35 6.58 36.17
N LEU A 398 10.53 6.92 35.67
CA LEU A 398 11.69 6.09 35.93
C LEU A 398 12.18 6.20 37.37
N SER A 399 11.72 7.20 38.12
CA SER A 399 12.06 7.27 39.54
C SER A 399 11.51 6.08 40.30
N LYS A 400 10.47 5.44 39.79
CA LYS A 400 9.89 4.25 40.38
C LYS A 400 10.53 2.96 39.90
N VAL A 401 11.51 3.06 39.00
CA VAL A 401 12.13 1.87 38.42
C VAL A 401 13.61 1.79 38.67
N LEU A 402 14.26 2.91 39.02
CA LEU A 402 15.68 3.06 38.75
C LEU A 402 16.29 3.90 39.87
N CYS A 403 16.82 3.22 40.90
CA CYS A 403 17.46 3.93 42.01
C CYS A 403 18.65 4.76 41.51
N GLU A 404 18.71 6.01 41.99
CA GLU A 404 19.68 7.00 41.51
C GLU A 404 21.10 6.47 41.53
N THR A 405 21.43 5.67 42.55
CA THR A 405 22.78 5.19 42.82
C THR A 405 23.31 4.20 41.80
N VAL A 406 22.43 3.65 40.96
CA VAL A 406 22.84 2.62 40.00
C VAL A 406 23.76 3.21 38.94
N GLY A 407 23.45 4.40 38.45
CA GLY A 407 24.28 5.07 37.47
C GLY A 407 23.70 5.23 36.07
N VAL A 408 22.42 4.96 35.87
CA VAL A 408 21.81 5.06 34.54
C VAL A 408 21.46 6.51 34.24
N LYS A 409 22.17 7.11 33.26
CA LYS A 409 22.00 8.52 32.95
C LYS A 409 20.67 8.78 32.24
N LEU A 410 19.98 9.86 32.65
CA LEU A 410 18.72 10.26 32.01
C LEU A 410 18.85 11.63 31.36
N ASP A 411 18.04 11.85 30.31
CA ASP A 411 17.93 13.16 29.69
C ASP A 411 16.88 13.99 30.45
N LYS A 412 16.72 15.26 30.04
CA LYS A 412 15.92 16.21 30.81
C LYS A 412 14.46 15.80 30.90
N ASN A 413 13.96 15.01 29.95
CA ASN A 413 12.57 14.55 29.91
C ASN A 413 12.32 13.28 30.71
N GLY A 414 13.36 12.66 31.26
CA GLY A 414 13.18 11.42 31.98
C GLY A 414 13.39 10.17 31.16
N ARG A 415 13.90 10.28 29.94
CA ARG A 415 14.18 9.13 29.12
C ARG A 415 15.66 8.75 29.25
N VAL A 416 15.99 7.52 28.88
CA VAL A 416 17.33 6.97 29.08
C VAL A 416 18.22 7.31 27.88
N VAL A 417 19.42 7.85 28.15
CA VAL A 417 20.38 8.12 27.07
C VAL A 417 21.12 6.83 26.74
N CYS A 418 21.07 6.44 25.46
CA CYS A 418 21.58 5.17 24.97
C CYS A 418 22.49 5.39 23.77
N THR A 419 23.52 4.56 23.68
CA THR A 419 24.32 4.47 22.46
C THR A 419 23.47 3.86 21.33
N ASP A 420 24.04 3.87 20.12
CA ASP A 420 23.19 3.44 19.01
C ASP A 420 22.97 1.91 18.98
N ASP A 421 23.34 1.22 20.06
CA ASP A 421 23.06 -0.19 20.22
C ASP A 421 22.22 -0.45 21.48
N GLU A 422 21.53 0.57 21.96
CA GLU A 422 20.59 0.54 23.08
C GLU A 422 21.26 0.44 24.45
N GLN A 423 22.58 0.60 24.54
CA GLN A 423 23.28 0.46 25.83
C GLN A 423 23.25 1.75 26.64
N THR A 424 22.99 1.62 27.95
CA THR A 424 22.96 2.75 28.87
C THR A 424 24.36 3.07 29.39
N THR A 425 24.45 4.05 30.29
CA THR A 425 25.73 4.39 30.90
C THR A 425 26.25 3.31 31.88
N VAL A 426 25.52 2.21 32.09
CA VAL A 426 25.96 1.07 32.89
C VAL A 426 26.06 -0.13 31.96
N SER A 427 27.27 -0.72 31.87
CA SER A 427 27.66 -1.51 30.69
C SER A 427 26.79 -2.76 30.46
N ASN A 428 26.14 -3.31 31.48
CA ASN A 428 25.31 -4.48 31.27
C ASN A 428 23.81 -4.16 31.19
N VAL A 429 23.41 -2.89 31.25
CA VAL A 429 22.00 -2.51 31.25
C VAL A 429 21.64 -1.83 29.92
N TYR A 430 20.54 -2.26 29.31
CA TYR A 430 20.07 -1.67 28.07
C TYR A 430 18.64 -1.14 28.26
N ALA A 431 18.20 -0.31 27.30
CA ALA A 431 16.85 0.25 27.28
C ALA A 431 16.28 0.22 25.87
N ILE A 432 14.96 -0.06 25.75
CA ILE A 432 14.26 -0.17 24.47
C ILE A 432 12.85 0.42 24.57
N GLY A 433 12.31 0.79 23.41
CA GLY A 433 10.94 1.25 23.33
C GLY A 433 10.77 2.71 23.72
N ASP A 434 9.60 3.00 24.30
CA ASP A 434 9.22 4.39 24.51
C ASP A 434 10.24 5.16 25.38
N ILE A 435 10.85 4.50 26.38
CA ILE A 435 11.78 5.21 27.26
C ILE A 435 13.16 5.42 26.67
N ASN A 436 13.42 4.98 25.43
CA ASN A 436 14.73 5.20 24.83
C ASN A 436 14.76 6.60 24.20
N ALA A 437 15.63 7.47 24.73
CA ALA A 437 15.59 8.89 24.40
C ALA A 437 15.77 9.15 22.91
N GLY A 438 14.93 10.03 22.38
CA GLY A 438 15.03 10.47 21.00
C GLY A 438 14.60 9.47 19.94
N LYS A 439 13.95 8.28 20.35
CA LYS A 439 13.51 7.32 19.34
C LYS A 439 12.04 7.52 19.02
N PRO A 440 11.60 7.18 17.79
CA PRO A 440 10.15 7.20 17.51
C PRO A 440 9.41 6.30 18.50
N GLN A 441 8.29 6.81 19.03
CA GLN A 441 7.53 6.11 20.06
C GLN A 441 6.45 5.26 19.39
N LEU A 442 6.84 4.11 18.84
CA LEU A 442 5.93 3.27 18.07
C LEU A 442 6.15 1.81 18.41
N THR A 443 5.06 1.03 18.38
CA THR A 443 5.15 -0.38 18.71
C THR A 443 6.05 -1.17 17.76
N PRO A 444 5.93 -1.05 16.44
CA PRO A 444 6.86 -1.79 15.56
C PRO A 444 8.32 -1.43 15.78
N VAL A 445 8.62 -0.22 16.26
CA VAL A 445 10.00 0.18 16.57
C VAL A 445 10.49 -0.53 17.84
N ALA A 446 9.64 -0.58 18.85
CA ALA A 446 9.99 -1.30 20.08
C ALA A 446 10.28 -2.79 19.80
N ILE A 447 9.49 -3.42 18.92
CA ILE A 447 9.64 -4.86 18.64
C ILE A 447 10.93 -5.13 17.90
N GLN A 448 11.27 -4.32 16.88
CA GLN A 448 12.50 -4.57 16.14
C GLN A 448 13.75 -4.29 16.99
N ALA A 449 13.74 -3.24 17.81
CA ALA A 449 14.88 -3.01 18.68
C ALA A 449 15.10 -4.18 19.63
N GLY A 450 14.01 -4.70 20.22
CA GLY A 450 14.11 -5.79 21.15
C GLY A 450 14.62 -7.08 20.53
N ARG A 451 14.13 -7.41 19.34
CA ARG A 451 14.57 -8.65 18.71
C ARG A 451 16.03 -8.58 18.29
N TYR A 452 16.44 -7.47 17.67
CA TYR A 452 17.83 -7.35 17.21
C TYR A 452 18.79 -7.28 18.41
N LEU A 453 18.38 -6.57 19.47
CA LEU A 453 19.21 -6.50 20.67
C LEU A 453 19.44 -7.87 21.27
N ALA A 454 18.39 -8.69 21.34
CA ALA A 454 18.53 -10.03 21.91
C ALA A 454 19.45 -10.91 21.09
N ARG A 455 19.46 -10.73 19.76
CA ARG A 455 20.36 -11.52 18.93
C ARG A 455 21.81 -11.11 19.13
N ARG A 456 22.06 -9.82 19.42
CA ARG A 456 23.44 -9.37 19.60
C ARG A 456 24.01 -9.87 20.92
N LEU A 457 23.17 -9.93 21.98
CA LEU A 457 23.64 -10.29 23.31
C LEU A 457 23.90 -11.78 23.45
N PHE A 458 23.10 -12.61 22.79
CA PHE A 458 23.16 -14.03 23.05
C PHE A 458 23.40 -14.88 21.82
N ALA A 459 23.52 -14.29 20.63
CA ALA A 459 23.73 -15.08 19.42
C ALA A 459 24.84 -14.56 18.50
N GLY A 460 25.61 -13.57 18.92
CA GLY A 460 26.73 -13.11 18.11
C GLY A 460 26.39 -12.18 16.97
N ALA A 461 25.15 -11.71 16.87
CA ALA A 461 24.77 -10.88 15.74
C ALA A 461 25.39 -9.50 15.87
N THR A 462 25.38 -8.76 14.77
CA THR A 462 25.91 -7.41 14.74
C THR A 462 24.93 -6.38 14.23
N GLU A 463 23.80 -6.79 13.63
CA GLU A 463 22.91 -5.85 12.98
C GLU A 463 22.32 -4.88 13.99
N LEU A 464 22.25 -3.60 13.60
CA LEU A 464 21.63 -2.58 14.43
C LEU A 464 20.21 -2.30 13.95
N THR A 465 19.40 -1.73 14.85
CA THR A 465 18.13 -1.14 14.45
C THR A 465 18.34 0.20 13.76
N ASP A 466 17.71 0.38 12.60
CA ASP A 466 17.75 1.64 11.85
C ASP A 466 16.50 2.43 12.22
N TYR A 467 16.65 3.55 12.95
CA TYR A 467 15.51 4.36 13.37
C TYR A 467 15.17 5.51 12.41
N SER A 468 15.79 5.58 11.23
CA SER A 468 15.58 6.70 10.33
C SER A 468 14.40 6.44 9.38
N ASN A 469 13.64 7.50 9.07
CA ASN A 469 12.59 7.43 8.03
C ASN A 469 11.51 6.37 8.33
N VAL A 470 11.08 6.29 9.58
CA VAL A 470 10.08 5.30 9.97
C VAL A 470 8.68 5.84 9.68
N ALA A 471 7.88 5.06 8.94
CA ALA A 471 6.58 5.54 8.48
C ALA A 471 5.53 5.47 9.61
N THR A 472 4.47 6.26 9.44
CA THR A 472 3.46 6.47 10.49
C THR A 472 2.09 6.50 9.84
N THR A 473 1.06 6.22 10.62
CA THR A 473 -0.30 6.49 10.15
C THR A 473 -1.15 6.95 11.31
N VAL A 474 -1.86 8.05 11.11
CA VAL A 474 -2.79 8.63 12.07
C VAL A 474 -4.19 8.19 11.65
N PHE A 475 -4.87 7.45 12.52
CA PHE A 475 -6.15 6.81 12.16
C PHE A 475 -7.34 7.67 12.52
N THR A 476 -7.30 8.92 12.06
CA THR A 476 -8.44 9.85 12.10
C THR A 476 -9.50 9.42 11.09
N PRO A 477 -10.74 9.97 11.18
CA PRO A 477 -11.81 9.51 10.28
C PRO A 477 -11.43 9.46 8.81
N LEU A 478 -10.65 10.44 8.33
CA LEU A 478 -9.87 10.26 7.11
C LEU A 478 -8.41 10.09 7.53
N GLU A 479 -7.83 8.93 7.22
CA GLU A 479 -6.48 8.61 7.71
C GLU A 479 -5.39 9.39 6.98
N TYR A 480 -4.26 9.50 7.65
CA TYR A 480 -3.15 10.31 7.15
C TYR A 480 -1.87 9.52 7.34
N GLY A 481 -1.22 9.16 6.23
CA GLY A 481 0.00 8.36 6.26
C GLY A 481 1.20 9.20 5.86
N ALA A 482 2.36 8.90 6.46
CA ALA A 482 3.54 9.72 6.26
C ALA A 482 4.80 8.88 6.30
N CYS A 483 5.79 9.28 5.51
CA CYS A 483 7.12 8.67 5.62
C CYS A 483 8.20 9.69 5.29
N GLY A 484 9.01 10.04 6.30
CA GLY A 484 10.11 10.98 6.10
C GLY A 484 9.77 12.38 6.56
N LEU A 485 10.44 13.37 5.98
CA LEU A 485 10.36 14.74 6.48
C LEU A 485 9.04 15.41 6.14
N SER A 486 8.63 16.36 6.97
CA SER A 486 7.53 17.22 6.57
C SER A 486 8.03 18.25 5.55
N GLU A 487 7.08 18.96 4.95
CA GLU A 487 7.45 19.98 3.98
C GLU A 487 8.24 21.12 4.65
N GLU A 488 7.72 21.68 5.75
CA GLU A 488 8.42 22.76 6.44
C GLU A 488 9.80 22.32 6.92
N ASP A 489 9.97 21.04 7.27
CA ASP A 489 11.27 20.58 7.75
C ASP A 489 12.27 20.50 6.61
N ALA A 490 11.82 20.06 5.43
CA ALA A 490 12.71 19.98 4.27
C ALA A 490 13.21 21.36 3.87
N ILE A 491 12.32 22.36 3.89
CA ILE A 491 12.71 23.72 3.52
C ILE A 491 13.66 24.31 4.55
N GLU A 492 13.38 24.10 5.84
CA GLU A 492 14.25 24.55 6.91
C GLU A 492 15.66 23.95 6.78
N LYS A 493 15.80 22.75 6.25
CA LYS A 493 17.10 22.08 6.21
C LYS A 493 17.86 22.29 4.91
N TYR A 494 17.19 22.61 3.82
CA TYR A 494 17.85 22.67 2.53
C TYR A 494 17.61 23.97 1.77
N GLY A 495 16.70 24.82 2.23
CA GLY A 495 16.38 26.04 1.55
C GLY A 495 15.23 25.82 0.59
N ASP A 496 14.34 26.80 0.48
CA ASP A 496 13.20 26.63 -0.40
C ASP A 496 13.63 26.41 -1.85
N LYS A 497 14.69 27.09 -2.30
CA LYS A 497 15.08 27.00 -3.70
C LYS A 497 15.42 25.57 -4.11
N ASP A 498 15.83 24.75 -3.15
CA ASP A 498 16.26 23.38 -3.41
C ASP A 498 15.15 22.34 -3.19
N ILE A 499 13.93 22.76 -2.87
CA ILE A 499 12.84 21.83 -2.58
C ILE A 499 11.75 21.97 -3.63
N GLU A 500 11.42 20.85 -4.28
CA GLU A 500 10.29 20.75 -5.20
C GLU A 500 9.24 19.85 -4.59
N VAL A 501 7.97 20.20 -4.77
CA VAL A 501 6.86 19.49 -4.18
C VAL A 501 5.87 19.17 -5.29
N TYR A 502 5.67 17.88 -5.58
CA TYR A 502 4.63 17.41 -6.49
C TYR A 502 3.42 16.96 -5.66
N HIS A 503 2.23 17.41 -6.05
CA HIS A 503 1.02 17.14 -5.29
C HIS A 503 -0.21 17.08 -6.20
N SER A 504 -1.28 16.47 -5.68
CA SER A 504 -2.50 16.28 -6.44
C SER A 504 -3.62 15.86 -5.49
N ASN A 505 -4.81 16.40 -5.69
CA ASN A 505 -5.98 15.82 -5.06
C ASN A 505 -6.32 14.49 -5.74
N PHE A 506 -7.24 13.74 -5.12
CA PHE A 506 -7.82 12.57 -5.78
C PHE A 506 -9.14 12.22 -5.13
N LYS A 507 -9.86 11.33 -5.79
CA LYS A 507 -11.14 10.86 -5.32
C LYS A 507 -11.20 9.34 -5.45
N PRO A 508 -11.36 8.60 -4.36
CA PRO A 508 -11.52 7.14 -4.48
C PRO A 508 -12.72 6.80 -5.37
N LEU A 509 -12.53 5.79 -6.23
CA LEU A 509 -13.60 5.33 -7.10
C LEU A 509 -14.83 4.90 -6.30
N GLU A 510 -14.62 4.31 -5.12
CA GLU A 510 -15.73 3.91 -4.24
C GLU A 510 -16.55 5.10 -3.73
N TRP A 511 -16.04 6.32 -3.85
CA TRP A 511 -16.76 7.51 -3.42
C TRP A 511 -17.64 8.10 -4.52
N THR A 512 -17.49 7.67 -5.77
CA THR A 512 -18.25 8.27 -6.85
C THR A 512 -19.73 7.94 -6.72
N VAL A 513 -20.07 6.66 -6.70
CA VAL A 513 -21.48 6.26 -6.66
C VAL A 513 -22.13 6.68 -5.33
N ALA A 514 -21.33 6.77 -4.26
CA ALA A 514 -21.75 7.16 -2.93
C ALA A 514 -21.90 8.67 -2.73
N HIS A 515 -21.57 9.48 -3.74
CA HIS A 515 -21.69 10.95 -3.67
C HIS A 515 -20.89 11.56 -2.51
N ARG A 516 -19.64 11.13 -2.35
CA ARG A 516 -18.75 11.76 -1.38
C ARG A 516 -17.90 12.81 -2.08
N GLU A 517 -17.10 13.53 -1.30
CA GLU A 517 -16.47 14.78 -1.74
C GLU A 517 -15.44 14.56 -2.85
N ASP A 518 -15.29 15.58 -3.71
CA ASP A 518 -14.46 15.49 -4.91
C ASP A 518 -12.96 15.70 -4.64
N ASN A 519 -12.60 16.65 -3.79
CA ASN A 519 -11.21 17.08 -3.67
C ASN A 519 -10.78 17.24 -2.22
N VAL A 520 -11.22 16.36 -1.34
CA VAL A 520 -10.71 16.37 0.02
C VAL A 520 -9.43 15.54 0.14
N CYS A 521 -9.40 14.33 -0.44
CA CYS A 521 -8.20 13.51 -0.40
C CYS A 521 -7.05 14.20 -1.13
N TYR A 522 -5.82 13.97 -0.66
CA TYR A 522 -4.67 14.75 -1.09
C TYR A 522 -3.39 13.96 -0.87
N MET A 523 -2.42 14.13 -1.78
CA MET A 523 -1.13 13.49 -1.57
C MET A 523 -0.04 14.37 -2.15
N LYS A 524 1.16 14.27 -1.60
CA LYS A 524 2.26 15.09 -2.06
C LYS A 524 3.59 14.36 -1.86
N LEU A 525 4.61 14.78 -2.64
CA LEU A 525 5.95 14.21 -2.58
C LEU A 525 6.97 15.34 -2.46
N VAL A 526 7.68 15.39 -1.34
CA VAL A 526 8.62 16.47 -1.06
C VAL A 526 10.00 15.99 -1.49
N CYS A 527 10.62 16.71 -2.44
CA CYS A 527 11.84 16.26 -3.09
C CYS A 527 12.99 17.25 -2.95
N ARG A 528 14.21 16.76 -3.24
CA ARG A 528 15.42 17.58 -3.23
C ARG A 528 15.98 17.72 -4.63
N LYS A 529 15.97 18.96 -5.16
CA LYS A 529 16.45 19.21 -6.51
C LYS A 529 17.90 18.80 -6.68
N SER A 530 18.79 19.21 -5.76
CA SER A 530 20.22 18.96 -5.95
C SER A 530 20.58 17.48 -5.81
N ASP A 531 19.78 16.67 -5.14
CA ASP A 531 20.07 15.24 -4.99
C ASP A 531 19.18 14.39 -5.89
N ASN A 532 19.28 14.64 -7.20
CA ASN A 532 18.55 13.91 -8.23
C ASN A 532 17.06 13.79 -7.96
N MET A 533 16.47 14.81 -7.35
CA MET A 533 15.03 14.82 -7.06
C MET A 533 14.66 13.67 -6.09
N ARG A 534 15.47 13.54 -5.03
CA ARG A 534 15.29 12.50 -4.01
C ARG A 534 14.02 12.72 -3.20
N VAL A 535 13.28 11.65 -2.91
CA VAL A 535 12.06 11.82 -2.14
C VAL A 535 12.43 11.96 -0.66
N LEU A 536 12.22 13.16 -0.10
CA LEU A 536 12.49 13.44 1.31
C LEU A 536 11.34 13.06 2.23
N GLY A 537 10.10 13.19 1.76
CA GLY A 537 8.91 12.86 2.52
C GLY A 537 7.73 12.55 1.64
N LEU A 538 6.89 11.62 2.08
CA LEU A 538 5.68 11.20 1.39
C LEU A 538 4.48 11.43 2.31
N HIS A 539 3.42 12.05 1.79
CA HIS A 539 2.24 12.31 2.61
C HIS A 539 0.98 11.99 1.81
N VAL A 540 0.09 11.20 2.41
CA VAL A 540 -1.18 10.87 1.78
C VAL A 540 -2.30 10.99 2.81
N LEU A 541 -3.40 11.62 2.41
CA LEU A 541 -4.61 11.70 3.20
C LEU A 541 -5.70 10.99 2.40
N GLY A 542 -6.33 9.99 3.00
CA GLY A 542 -7.36 9.24 2.32
C GLY A 542 -7.64 7.93 3.02
N PRO A 543 -8.52 7.12 2.47
CA PRO A 543 -8.84 5.84 3.11
C PRO A 543 -7.72 4.84 2.89
N ASN A 544 -7.57 3.93 3.87
CA ASN A 544 -6.51 2.90 3.87
C ASN A 544 -5.08 3.47 3.76
N ALA A 545 -4.87 4.67 4.29
CA ALA A 545 -3.58 5.35 4.17
C ALA A 545 -2.42 4.50 4.69
N GLY A 546 -2.62 3.75 5.78
CA GLY A 546 -1.58 2.85 6.24
C GLY A 546 -1.20 1.78 5.22
N GLU A 547 -2.20 1.11 4.63
CA GLU A 547 -1.87 0.14 3.59
C GLU A 547 -1.17 0.81 2.41
N ILE A 548 -1.54 2.06 2.10
CA ILE A 548 -0.97 2.77 0.96
C ILE A 548 0.51 3.10 1.21
N THR A 549 0.82 3.57 2.42
CA THR A 549 2.12 4.14 2.73
C THR A 549 3.19 3.08 2.94
N GLN A 550 2.85 1.96 3.58
CA GLN A 550 3.85 0.99 4.00
C GLN A 550 4.83 0.62 2.87
N GLY A 551 4.30 0.11 1.76
CA GLY A 551 5.14 -0.33 0.67
C GLY A 551 6.12 0.74 0.20
N TYR A 552 5.67 2.00 0.17
CA TYR A 552 6.55 3.11 -0.21
C TYR A 552 7.70 3.31 0.78
N ALA A 553 7.51 2.93 2.06
CA ALA A 553 8.58 3.09 3.04
C ALA A 553 9.82 2.28 2.67
N VAL A 554 9.66 1.16 1.95
CA VAL A 554 10.82 0.37 1.51
C VAL A 554 11.62 1.13 0.46
N ALA A 555 10.94 1.68 -0.54
CA ALA A 555 11.65 2.39 -1.60
C ALA A 555 12.33 3.65 -1.07
N ILE A 556 11.76 4.29 -0.04
CA ILE A 556 12.41 5.47 0.54
C ILE A 556 13.65 5.05 1.31
N LYS A 557 13.58 3.91 2.00
CA LYS A 557 14.76 3.39 2.68
C LYS A 557 15.89 3.17 1.70
N MET A 558 15.56 2.89 0.43
CA MET A 558 16.54 2.59 -0.60
C MET A 558 16.98 3.82 -1.39
N GLY A 559 16.67 5.03 -0.94
CA GLY A 559 17.02 6.24 -1.67
C GLY A 559 16.20 6.55 -2.91
N ALA A 560 14.88 6.34 -2.88
CA ALA A 560 14.08 6.53 -4.07
C ALA A 560 14.03 8.00 -4.49
N THR A 561 14.00 8.23 -5.79
CA THR A 561 13.89 9.56 -6.38
C THR A 561 12.55 9.67 -7.07
N LYS A 562 12.27 10.86 -7.61
CA LYS A 562 11.04 11.05 -8.39
C LYS A 562 11.06 10.19 -9.65
N ALA A 563 12.25 9.94 -10.21
CA ALA A 563 12.33 9.13 -11.43
C ALA A 563 11.89 7.69 -11.15
N ASP A 564 12.23 7.16 -9.99
CA ASP A 564 11.82 5.81 -9.65
C ASP A 564 10.29 5.69 -9.54
N PHE A 565 9.60 6.76 -9.13
CA PHE A 565 8.13 6.76 -9.11
C PHE A 565 7.55 6.91 -10.50
N ASP A 566 8.20 7.72 -11.35
CA ASP A 566 7.68 7.94 -12.70
C ASP A 566 7.72 6.65 -13.50
N ARG A 567 8.87 5.94 -13.46
CA ARG A 567 9.07 4.76 -14.29
C ARG A 567 8.29 3.54 -13.80
N THR A 568 7.81 3.54 -12.57
CA THR A 568 6.92 2.48 -12.10
C THR A 568 5.49 2.74 -12.57
N ILE A 569 4.80 1.66 -12.97
CA ILE A 569 3.42 1.71 -13.46
C ILE A 569 2.46 1.49 -12.31
N GLY A 570 1.30 2.17 -12.38
CA GLY A 570 0.30 2.05 -11.33
C GLY A 570 -0.58 0.81 -11.49
N ILE A 571 -1.21 0.43 -10.38
CA ILE A 571 -2.29 -0.56 -10.36
C ILE A 571 -3.62 0.19 -10.44
N HIS A 572 -4.43 -0.11 -11.47
CA HIS A 572 -5.65 0.65 -11.68
C HIS A 572 -6.80 -0.02 -10.94
N PRO A 573 -7.98 0.54 -10.98
CA PRO A 573 -8.62 1.21 -9.82
C PRO A 573 -8.02 1.08 -8.42
N THR A 574 -7.03 1.91 -8.09
CA THR A 574 -6.61 2.14 -6.69
C THR A 574 -6.42 3.63 -6.41
N CYS A 575 -6.37 3.98 -5.12
CA CYS A 575 -5.96 5.33 -4.74
C CYS A 575 -4.44 5.47 -4.82
N SER A 576 -3.73 4.41 -4.44
CA SER A 576 -2.28 4.49 -4.29
C SER A 576 -1.58 4.77 -5.62
N GLU A 577 -2.21 4.46 -6.75
CA GLU A 577 -1.57 4.63 -8.06
C GLU A 577 -1.28 6.09 -8.39
N THR A 578 -1.95 7.04 -7.73
CA THR A 578 -1.78 8.45 -8.03
C THR A 578 -0.35 8.89 -7.79
N PHE A 579 0.39 8.21 -6.92
CA PHE A 579 1.79 8.55 -6.70
C PHE A 579 2.66 8.25 -7.93
N THR A 580 2.19 7.40 -8.85
CA THR A 580 3.04 7.00 -9.97
C THR A 580 2.92 7.91 -11.19
N THR A 581 2.02 8.92 -11.16
CA THR A 581 1.84 9.85 -12.27
C THR A 581 1.77 11.32 -11.85
N LEU A 582 2.35 11.68 -10.70
CA LEU A 582 2.31 13.05 -10.23
C LEU A 582 3.15 13.97 -11.10
N HIS A 583 2.65 15.18 -11.36
CA HIS A 583 3.41 16.10 -12.21
C HIS A 583 3.24 17.59 -11.88
N VAL A 584 2.16 17.98 -11.20
CA VAL A 584 1.89 19.38 -10.91
C VAL A 584 2.71 19.81 -9.70
N THR A 585 3.58 20.80 -9.88
CA THR A 585 4.45 21.30 -8.82
C THR A 585 3.83 22.51 -8.14
N LYS A 586 4.19 22.71 -6.87
CA LYS A 586 3.67 23.85 -6.11
C LYS A 586 4.21 25.16 -6.64
N LYS A 587 5.51 25.24 -6.95
CA LYS A 587 6.05 26.46 -7.53
C LYS A 587 5.37 26.81 -8.86
N SER A 588 4.80 25.83 -9.56
CA SER A 588 4.12 26.15 -10.80
C SER A 588 2.84 26.95 -10.57
N GLY A 589 2.32 26.97 -9.34
CA GLY A 589 1.05 27.60 -9.12
C GLY A 589 -0.14 26.88 -9.73
N VAL A 590 0.07 25.82 -10.50
CA VAL A 590 -1.06 25.10 -11.09
C VAL A 590 -1.90 24.45 -10.00
N SER A 591 -3.22 24.40 -10.23
CA SER A 591 -4.14 23.84 -9.25
C SER A 591 -4.01 22.31 -9.14
N PRO A 592 -4.13 21.77 -7.93
CA PRO A 592 -4.04 20.30 -7.74
C PRO A 592 -5.34 19.54 -7.86
N ILE A 593 -6.48 20.17 -8.19
CA ILE A 593 -7.78 19.51 -8.18
C ILE A 593 -7.96 18.57 -9.38
N VAL A 594 -9.00 17.74 -9.33
CA VAL A 594 -9.30 16.74 -10.36
C VAL A 594 -10.49 17.15 -11.23
N GLY B 7 26.15 10.68 -33.57
CA GLY B 7 26.15 11.26 -32.24
C GLY B 7 24.90 12.06 -31.91
N THR B 8 25.12 13.22 -31.29
CA THR B 8 24.01 14.13 -30.94
C THR B 8 23.28 14.62 -32.18
N SER B 9 23.96 14.66 -33.32
CA SER B 9 23.40 15.33 -34.49
C SER B 9 22.14 14.64 -34.98
N GLN B 10 22.12 13.30 -34.98
CA GLN B 10 20.96 12.60 -35.51
C GLN B 10 19.79 12.57 -34.55
N TRP B 11 20.02 12.85 -33.27
CA TRP B 11 18.90 13.18 -32.39
C TRP B 11 18.24 14.48 -32.85
N LEU B 12 19.06 15.52 -33.06
CA LEU B 12 18.51 16.85 -33.36
C LEU B 12 17.73 16.88 -34.66
N ARG B 13 18.11 16.03 -35.63
CA ARG B 13 17.38 15.99 -36.88
C ARG B 13 16.11 15.16 -36.77
N LYS B 14 16.11 14.10 -35.95
CA LYS B 14 14.85 13.37 -35.72
C LYS B 14 13.84 14.27 -35.02
N THR B 15 14.31 15.09 -34.08
CA THR B 15 13.45 16.00 -33.31
C THR B 15 12.92 17.15 -34.17
N VAL B 16 13.79 17.79 -34.96
CA VAL B 16 13.37 18.90 -35.81
C VAL B 16 12.45 18.41 -36.93
N ASP B 17 12.74 17.23 -37.50
CA ASP B 17 11.90 16.76 -38.61
C ASP B 17 10.50 16.34 -38.13
N SER B 18 10.38 15.93 -36.87
CA SER B 18 9.11 15.38 -36.39
C SER B 18 8.22 16.40 -35.70
N ALA B 19 8.81 17.39 -35.02
CA ALA B 19 8.03 18.32 -34.21
C ALA B 19 7.16 19.21 -35.09
N ALA B 20 6.06 19.70 -34.51
CA ALA B 20 5.14 20.56 -35.24
C ALA B 20 5.57 22.02 -35.15
N VAL B 21 5.68 22.54 -33.93
CA VAL B 21 6.28 23.85 -33.65
C VAL B 21 7.23 23.63 -32.50
N ILE B 22 8.49 24.04 -32.66
CA ILE B 22 9.51 23.80 -31.63
C ILE B 22 10.43 25.01 -31.56
N LEU B 23 10.60 25.55 -30.35
CA LEU B 23 11.43 26.72 -30.09
C LEU B 23 12.64 26.28 -29.26
N PHE B 24 13.83 26.32 -29.88
CA PHE B 24 15.07 26.12 -29.14
C PHE B 24 15.43 27.42 -28.44
N SER B 25 15.61 27.36 -27.12
CA SER B 25 15.65 28.56 -26.30
C SER B 25 16.64 28.37 -25.15
N LYS B 26 16.76 29.41 -24.31
CA LYS B 26 17.46 29.33 -23.04
C LYS B 26 16.66 30.11 -22.00
N THR B 27 16.79 29.66 -20.75
CA THR B 27 15.95 30.19 -19.66
C THR B 27 16.24 31.67 -19.42
N THR B 28 17.51 32.01 -19.20
CA THR B 28 17.90 33.36 -18.85
C THR B 28 17.81 34.33 -20.03
N CYS B 29 17.89 33.81 -21.27
CA CYS B 29 17.86 34.60 -22.50
C CYS B 29 16.64 35.53 -22.56
N PRO B 30 16.84 36.87 -22.61
CA PRO B 30 15.67 37.78 -22.67
C PRO B 30 15.06 37.89 -24.07
N TYR B 31 15.87 37.64 -25.11
CA TYR B 31 15.33 37.64 -26.46
C TYR B 31 14.37 36.47 -26.67
N CYS B 32 14.63 35.34 -26.01
CA CYS B 32 13.72 34.20 -26.10
C CYS B 32 12.37 34.50 -25.45
N LYS B 33 12.40 35.11 -24.27
CA LYS B 33 11.16 35.40 -23.56
C LYS B 33 10.25 36.32 -24.37
N LYS B 34 10.81 37.21 -25.18
CA LYS B 34 9.97 38.01 -26.06
C LYS B 34 9.25 37.13 -27.08
N VAL B 35 9.96 36.14 -27.64
CA VAL B 35 9.37 35.26 -28.65
C VAL B 35 8.35 34.31 -28.02
N LYS B 36 8.61 33.84 -26.80
CA LYS B 36 7.63 33.01 -26.11
C LYS B 36 6.27 33.70 -26.05
N ASP B 37 6.26 34.98 -25.66
CA ASP B 37 5.01 35.69 -25.40
C ASP B 37 4.27 36.00 -26.70
N VAL B 38 4.99 36.33 -27.77
CA VAL B 38 4.36 36.43 -29.08
C VAL B 38 3.61 35.14 -29.42
N LEU B 39 4.24 34.00 -29.17
CA LEU B 39 3.60 32.73 -29.46
C LEU B 39 2.42 32.48 -28.53
N ALA B 40 2.55 32.90 -27.25
CA ALA B 40 1.46 32.74 -26.29
C ALA B 40 0.28 33.64 -26.62
N GLU B 41 0.55 34.88 -27.06
CA GLU B 41 -0.55 35.78 -27.40
C GLU B 41 -1.34 35.26 -28.58
N ALA B 42 -0.67 34.97 -29.70
CA ALA B 42 -1.34 34.46 -30.91
C ALA B 42 -1.89 33.01 -30.75
N LYS B 43 -1.88 32.46 -29.54
CA LYS B 43 -2.52 31.17 -29.24
C LYS B 43 -1.88 30.02 -30.02
N ILE B 44 -0.56 30.10 -30.20
CA ILE B 44 0.21 29.14 -30.96
C ILE B 44 1.01 28.28 -29.98
N LYS B 45 0.61 27.01 -29.84
CA LYS B 45 1.27 26.10 -28.91
C LYS B 45 2.50 25.44 -29.55
N HIS B 46 3.45 25.04 -28.70
CA HIS B 46 4.73 24.58 -29.22
C HIS B 46 5.52 23.87 -28.12
N ALA B 47 6.40 22.96 -28.54
CA ALA B 47 7.41 22.42 -27.66
C ALA B 47 8.56 23.42 -27.48
N THR B 48 9.20 23.35 -26.31
CA THR B 48 10.30 24.24 -25.95
C THR B 48 11.44 23.40 -25.39
N ILE B 49 12.62 23.54 -25.97
CA ILE B 49 13.79 22.80 -25.52
C ILE B 49 14.79 23.82 -24.97
N GLU B 50 14.80 24.01 -23.65
CA GLU B 50 15.74 24.94 -23.03
C GLU B 50 17.13 24.32 -22.98
N LEU B 51 18.11 24.97 -23.62
CA LEU B 51 19.41 24.36 -23.83
C LEU B 51 20.31 24.45 -22.59
N ASP B 52 20.15 25.48 -21.77
CA ASP B 52 20.94 25.60 -20.54
C ASP B 52 20.50 24.65 -19.45
N GLN B 53 19.49 23.82 -19.70
CA GLN B 53 19.03 22.82 -18.75
C GLN B 53 19.20 21.40 -19.27
N LEU B 54 19.88 21.22 -20.38
CA LEU B 54 20.30 19.92 -20.86
C LEU B 54 21.81 19.82 -20.79
N SER B 55 22.30 18.61 -20.54
CA SER B 55 23.72 18.42 -20.22
C SER B 55 24.62 18.95 -21.32
N ASN B 56 24.37 18.56 -22.58
CA ASN B 56 25.26 18.95 -23.67
C ASN B 56 24.57 19.86 -24.68
N GLY B 57 23.90 20.91 -24.18
CA GLY B 57 23.28 21.88 -25.06
C GLY B 57 24.25 22.72 -25.88
N SER B 58 25.52 22.84 -25.45
CA SER B 58 26.48 23.62 -26.23
C SER B 58 26.76 22.96 -27.58
N ALA B 59 26.91 21.63 -27.58
CA ALA B 59 27.06 20.90 -28.83
C ALA B 59 25.84 21.09 -29.73
N ILE B 60 24.63 21.09 -29.13
CA ILE B 60 23.40 21.18 -29.89
C ILE B 60 23.28 22.55 -30.56
N GLN B 61 23.73 23.60 -29.87
CA GLN B 61 23.80 24.93 -30.47
C GLN B 61 24.59 24.90 -31.77
N LYS B 62 25.75 24.22 -31.78
CA LYS B 62 26.52 24.09 -33.00
C LYS B 62 25.74 23.36 -34.09
N CYS B 63 25.03 22.30 -33.71
CA CYS B 63 24.34 21.48 -34.71
C CYS B 63 23.12 22.20 -35.29
N LEU B 64 22.53 23.14 -34.55
CA LEU B 64 21.39 23.89 -35.08
C LEU B 64 21.78 24.66 -36.35
N ALA B 65 23.05 25.03 -36.49
CA ALA B 65 23.51 25.69 -37.71
C ALA B 65 23.29 24.83 -38.94
N SER B 66 23.38 23.50 -38.80
CA SER B 66 23.16 22.60 -39.93
C SER B 66 21.83 22.86 -40.63
N PHE B 67 20.86 23.43 -39.93
CA PHE B 67 19.55 23.76 -40.49
C PHE B 67 19.37 25.24 -40.77
N SER B 68 19.93 26.10 -39.90
CA SER B 68 19.60 27.53 -39.87
C SER B 68 20.76 28.46 -40.13
N LYS B 69 21.97 27.95 -40.32
CA LYS B 69 23.18 28.74 -40.58
C LYS B 69 23.50 29.72 -39.46
N ILE B 70 22.86 29.60 -38.30
CA ILE B 70 23.21 30.40 -37.13
C ILE B 70 23.38 29.47 -35.93
N GLU B 71 23.95 30.02 -34.85
CA GLU B 71 24.09 29.30 -33.58
C GLU B 71 23.64 30.17 -32.42
N THR B 72 22.85 31.21 -32.69
CA THR B 72 22.29 32.06 -31.66
C THR B 72 21.14 31.34 -30.96
N VAL B 73 20.68 31.90 -29.85
CA VAL B 73 19.73 31.17 -28.99
C VAL B 73 18.33 31.11 -29.62
N PRO B 74 17.55 32.21 -29.69
CA PRO B 74 16.17 32.04 -30.17
C PRO B 74 16.10 31.50 -31.60
N GLN B 75 15.56 30.28 -31.76
CA GLN B 75 15.36 29.63 -33.06
C GLN B 75 14.05 28.84 -33.04
N MET B 76 13.17 29.16 -34.00
CA MET B 76 11.86 28.53 -34.14
C MET B 76 11.85 27.65 -35.38
N PHE B 77 11.27 26.45 -35.26
CA PHE B 77 11.09 25.56 -36.40
C PHE B 77 9.62 25.15 -36.51
N VAL B 78 9.13 25.00 -37.75
CA VAL B 78 7.75 24.54 -37.98
C VAL B 78 7.81 23.37 -38.93
N ARG B 79 7.51 22.17 -38.42
CA ARG B 79 7.42 20.96 -39.22
C ARG B 79 8.71 20.73 -40.03
N GLY B 80 9.85 20.90 -39.34
CA GLY B 80 11.15 20.63 -39.93
C GLY B 80 11.80 21.78 -40.65
N LYS B 81 11.10 22.89 -40.82
CA LYS B 81 11.60 24.06 -41.52
C LYS B 81 12.01 25.13 -40.51
N PHE B 82 13.21 25.70 -40.70
CA PHE B 82 13.64 26.81 -39.86
C PHE B 82 12.83 28.04 -40.22
N ILE B 83 12.26 28.69 -39.21
CA ILE B 83 11.35 29.81 -39.46
C ILE B 83 12.09 31.14 -39.31
N GLY B 84 12.71 31.38 -38.15
CA GLY B 84 13.51 32.59 -37.99
C GLY B 84 14.00 32.77 -36.58
N ASP B 85 14.84 33.77 -36.42
CA ASP B 85 15.29 34.21 -35.10
C ASP B 85 14.31 35.26 -34.58
N SER B 86 14.67 35.93 -33.48
CA SER B 86 13.74 36.83 -32.81
C SER B 86 13.16 37.89 -33.75
N GLN B 87 14.00 38.51 -34.58
CA GLN B 87 13.53 39.62 -35.42
C GLN B 87 12.59 39.12 -36.52
N THR B 88 12.88 37.95 -37.12
CA THR B 88 12.11 37.45 -38.25
C THR B 88 10.73 36.98 -37.81
N VAL B 89 10.61 36.43 -36.60
CA VAL B 89 9.29 36.00 -36.13
C VAL B 89 8.48 37.20 -35.66
N LEU B 90 9.13 38.31 -35.27
CA LEU B 90 8.37 39.53 -35.03
C LEU B 90 7.95 40.23 -36.31
N LYS B 91 8.77 40.14 -37.37
CA LYS B 91 8.35 40.61 -38.70
C LYS B 91 7.16 39.82 -39.23
N TYR B 92 7.16 38.50 -39.01
CA TYR B 92 6.05 37.67 -39.45
C TYR B 92 4.75 38.04 -38.72
N TYR B 93 4.84 38.26 -37.40
CA TYR B 93 3.68 38.58 -36.58
C TYR B 93 2.98 39.85 -37.06
N SER B 94 3.69 40.99 -36.99
CA SER B 94 3.06 42.26 -37.31
C SER B 94 2.70 42.40 -38.78
N ASN B 95 3.14 41.50 -39.64
CA ASN B 95 2.80 41.48 -41.07
C ASN B 95 1.65 40.54 -41.40
N ASP B 96 0.94 40.02 -40.40
CA ASP B 96 -0.18 39.07 -40.60
C ASP B 96 0.28 37.79 -41.30
N GLU B 97 1.48 37.31 -40.97
CA GLU B 97 2.04 36.15 -41.63
C GLU B 97 2.31 34.95 -40.72
N LEU B 98 2.35 35.14 -39.40
CA LEU B 98 2.74 34.04 -38.52
C LEU B 98 1.75 32.87 -38.59
N ALA B 99 0.45 33.15 -38.63
CA ALA B 99 -0.55 32.07 -38.52
C ALA B 99 -0.60 31.21 -39.78
N GLY B 100 -0.30 31.77 -40.94
CA GLY B 100 -0.25 30.96 -42.15
C GLY B 100 0.94 30.01 -42.21
N ILE B 101 2.09 30.45 -41.69
CA ILE B 101 3.28 29.61 -41.73
C ILE B 101 3.19 28.47 -40.71
N VAL B 102 2.61 28.73 -39.53
CA VAL B 102 2.50 27.69 -38.51
C VAL B 102 1.47 26.64 -38.87
N ASN B 103 0.50 26.96 -39.72
CA ASN B 103 -0.46 25.96 -40.18
C ASN B 103 -0.01 25.27 -41.47
N GLU B 104 1.08 25.71 -42.09
CA GLU B 104 1.61 25.07 -43.29
C GLU B 104 1.96 23.62 -42.98
N SER B 105 1.25 22.68 -43.60
CA SER B 105 1.45 21.27 -43.31
C SER B 105 1.24 20.44 -44.55
N LYS B 106 1.98 19.34 -44.65
CA LYS B 106 1.84 18.43 -45.77
C LYS B 106 0.51 17.67 -45.74
N TYR B 107 0.00 17.38 -44.55
CA TYR B 107 -1.23 16.61 -44.40
C TYR B 107 -2.21 17.39 -43.55
N ASP B 108 -3.41 16.84 -43.39
CA ASP B 108 -4.42 17.52 -42.59
C ASP B 108 -4.04 17.58 -41.11
N TYR B 109 -3.47 16.51 -40.58
CA TYR B 109 -3.14 16.48 -39.17
C TYR B 109 -1.71 16.04 -38.98
N ASP B 110 -1.14 16.47 -37.85
CA ASP B 110 0.16 15.97 -37.45
C ASP B 110 0.07 14.55 -36.90
N LEU B 111 -1.08 14.20 -36.32
CA LEU B 111 -1.29 12.92 -35.66
C LEU B 111 -2.72 12.49 -35.89
N ILE B 112 -2.90 11.25 -36.32
CA ILE B 112 -4.22 10.62 -36.30
C ILE B 112 -4.13 9.44 -35.34
N VAL B 113 -4.98 9.45 -34.32
CA VAL B 113 -5.13 8.32 -33.41
C VAL B 113 -6.38 7.55 -33.83
N ILE B 114 -6.22 6.28 -34.20
CA ILE B 114 -7.37 5.39 -34.40
C ILE B 114 -7.67 4.70 -33.08
N GLY B 115 -8.76 5.13 -32.43
CA GLY B 115 -9.23 4.47 -31.21
C GLY B 115 -9.18 5.35 -29.99
N GLY B 116 -10.34 5.76 -29.48
CA GLY B 116 -10.35 6.64 -28.32
C GLY B 116 -10.53 5.93 -26.99
N GLY B 117 -9.58 5.07 -26.63
CA GLY B 117 -9.63 4.36 -25.36
C GLY B 117 -8.55 4.83 -24.39
N SER B 118 -8.08 3.92 -23.52
CA SER B 118 -7.18 4.34 -22.46
C SER B 118 -5.89 4.94 -23.03
N GLY B 119 -5.31 4.28 -24.02
CA GLY B 119 -4.03 4.73 -24.54
C GLY B 119 -4.16 5.76 -25.63
N GLY B 120 -5.21 5.64 -26.44
CA GLY B 120 -5.40 6.58 -27.53
C GLY B 120 -5.72 7.98 -27.04
N LEU B 121 -6.72 8.09 -26.15
CA LEU B 121 -7.07 9.41 -25.62
C LEU B 121 -5.87 10.02 -24.91
N ALA B 122 -5.07 9.19 -24.23
CA ALA B 122 -3.91 9.72 -23.51
C ALA B 122 -2.85 10.23 -24.47
N ALA B 123 -2.58 9.50 -25.55
CA ALA B 123 -1.64 9.94 -26.57
C ALA B 123 -2.10 11.25 -27.24
N GLY B 124 -3.36 11.29 -27.71
CA GLY B 124 -3.86 12.51 -28.32
C GLY B 124 -3.73 13.74 -27.43
N LYS B 125 -4.21 13.64 -26.18
CA LYS B 125 -4.18 14.77 -25.26
C LYS B 125 -2.76 15.30 -25.08
N GLU B 126 -1.77 14.42 -24.95
CA GLU B 126 -0.42 14.90 -24.70
C GLU B 126 0.25 15.41 -25.98
N ALA B 127 -0.15 14.90 -27.16
CA ALA B 127 0.37 15.44 -28.41
C ALA B 127 -0.12 16.85 -28.67
N ALA B 128 -1.41 17.12 -28.40
CA ALA B 128 -1.95 18.45 -28.62
C ALA B 128 -1.27 19.49 -27.74
N LYS B 129 -0.73 19.07 -26.60
CA LYS B 129 -0.05 19.99 -25.70
C LYS B 129 1.08 20.71 -26.41
N TYR B 130 1.91 19.98 -27.17
CA TYR B 130 3.09 20.54 -27.84
C TYR B 130 2.82 20.98 -29.26
N GLY B 131 1.57 21.34 -29.58
CA GLY B 131 1.27 21.98 -30.84
C GLY B 131 1.00 21.09 -32.03
N ALA B 132 0.87 19.77 -31.83
CA ALA B 132 0.52 18.87 -32.92
C ALA B 132 -0.96 19.02 -33.24
N LYS B 133 -1.28 19.22 -34.52
CA LYS B 133 -2.67 19.22 -34.97
C LYS B 133 -3.19 17.78 -34.97
N THR B 134 -4.09 17.47 -34.04
CA THR B 134 -4.40 16.09 -33.70
C THR B 134 -5.88 15.77 -33.89
N ALA B 135 -6.16 14.60 -34.44
CA ALA B 135 -7.49 14.02 -34.48
C ALA B 135 -7.46 12.64 -33.83
N VAL B 136 -8.51 12.33 -33.07
CA VAL B 136 -8.65 11.01 -32.45
C VAL B 136 -10.02 10.47 -32.81
N LEU B 137 -10.04 9.36 -33.55
CA LEU B 137 -11.26 8.65 -33.97
C LEU B 137 -11.68 7.63 -32.92
N ASP B 138 -12.98 7.53 -32.67
CA ASP B 138 -13.51 6.43 -31.87
C ASP B 138 -14.86 6.00 -32.42
N TYR B 139 -15.08 4.68 -32.39
CA TYR B 139 -16.35 4.08 -32.77
C TYR B 139 -16.52 2.79 -31.96
N VAL B 140 -17.77 2.47 -31.63
CA VAL B 140 -18.08 1.28 -30.83
C VAL B 140 -19.00 0.37 -31.65
N GLU B 141 -18.42 -0.68 -32.23
CA GLU B 141 -19.25 -1.67 -32.89
C GLU B 141 -20.16 -2.34 -31.87
N PRO B 142 -21.46 -2.41 -32.10
CA PRO B 142 -22.37 -2.95 -31.09
C PRO B 142 -22.21 -4.44 -30.86
N THR B 143 -22.61 -4.89 -29.68
CA THR B 143 -22.60 -6.30 -29.37
C THR B 143 -23.72 -7.01 -30.15
N PRO B 144 -23.61 -8.33 -30.33
CA PRO B 144 -24.68 -9.09 -31.03
C PRO B 144 -26.11 -8.77 -30.59
N ILE B 145 -26.37 -8.49 -29.30
CA ILE B 145 -27.71 -8.06 -28.90
C ILE B 145 -27.84 -6.52 -29.00
N GLY B 146 -26.81 -5.83 -29.51
CA GLY B 146 -26.89 -4.41 -29.78
C GLY B 146 -26.52 -3.43 -28.67
N THR B 147 -25.83 -3.88 -27.62
CA THR B 147 -25.35 -2.96 -26.59
C THR B 147 -24.34 -1.99 -27.20
N THR B 148 -24.28 -0.78 -26.67
CA THR B 148 -23.43 0.27 -27.21
C THR B 148 -23.10 1.25 -26.08
N TRP B 149 -21.97 1.97 -26.20
CA TRP B 149 -21.51 2.90 -25.16
C TRP B 149 -20.74 4.06 -25.78
N GLY B 150 -20.29 4.99 -24.95
CA GLY B 150 -19.72 6.24 -25.40
C GLY B 150 -18.19 6.29 -25.35
N LEU B 151 -17.66 7.51 -25.48
CA LEU B 151 -16.22 7.71 -25.56
C LEU B 151 -15.54 7.29 -24.27
N GLY B 152 -14.38 6.65 -24.40
CA GLY B 152 -13.56 6.27 -23.25
C GLY B 152 -12.78 4.96 -23.36
N GLY B 153 -13.34 3.99 -24.07
CA GLY B 153 -12.65 2.72 -24.22
C GLY B 153 -13.23 1.62 -23.33
N THR B 154 -12.49 0.52 -23.26
CA THR B 154 -13.00 -0.69 -22.65
C THR B 154 -13.03 -0.57 -21.12
N CYS B 155 -11.97 -0.02 -20.54
CA CYS B 155 -11.92 0.17 -19.11
C CYS B 155 -13.07 1.05 -18.62
N VAL B 156 -13.22 2.23 -19.24
CA VAL B 156 -14.14 3.25 -18.74
C VAL B 156 -15.59 2.76 -18.77
N ASN B 157 -15.97 2.06 -19.85
CA ASN B 157 -17.36 1.71 -20.15
C ASN B 157 -17.73 0.29 -19.78
N VAL B 158 -16.82 -0.68 -19.95
CA VAL B 158 -17.17 -2.09 -19.83
C VAL B 158 -15.98 -2.87 -19.26
N GLY B 159 -15.19 -2.23 -18.38
CA GLY B 159 -14.00 -2.85 -17.80
C GLY B 159 -13.71 -2.46 -16.34
N CYS B 160 -12.49 -1.97 -16.08
CA CYS B 160 -12.02 -1.70 -14.72
C CYS B 160 -12.96 -0.82 -13.88
N ILE B 161 -13.68 0.10 -14.51
CA ILE B 161 -14.46 1.10 -13.76
C ILE B 161 -15.80 0.53 -13.32
N PRO B 162 -16.68 0.03 -14.21
CA PRO B 162 -17.94 -0.55 -13.70
C PRO B 162 -17.73 -1.82 -12.92
N LYS B 163 -16.66 -2.56 -13.21
CA LYS B 163 -16.43 -3.82 -12.50
C LYS B 163 -15.97 -3.59 -11.06
N LYS B 164 -15.06 -2.64 -10.82
CA LYS B 164 -14.70 -2.39 -9.42
C LYS B 164 -15.88 -1.81 -8.64
N LEU B 165 -16.73 -1.02 -9.29
CA LEU B 165 -17.88 -0.49 -8.57
C LEU B 165 -18.84 -1.62 -8.17
N MET B 166 -19.08 -2.58 -9.07
CA MET B 166 -19.90 -3.73 -8.70
C MET B 166 -19.18 -4.61 -7.67
N HIS B 167 -17.86 -4.78 -7.81
CA HIS B 167 -17.08 -5.40 -6.75
C HIS B 167 -17.34 -4.73 -5.41
N GLN B 168 -17.39 -3.39 -5.40
CA GLN B 168 -17.58 -2.65 -4.17
C GLN B 168 -18.97 -2.89 -3.56
N ALA B 169 -20.02 -2.83 -4.39
CA ALA B 169 -21.34 -3.22 -3.93
C ALA B 169 -21.32 -4.59 -3.26
N GLY B 170 -20.52 -5.51 -3.78
CA GLY B 170 -20.44 -6.83 -3.19
C GLY B 170 -19.75 -6.84 -1.84
N LEU B 171 -18.73 -6.00 -1.66
CA LEU B 171 -18.02 -5.98 -0.38
C LEU B 171 -18.90 -5.40 0.73
N LEU B 172 -19.78 -4.46 0.38
CA LEU B 172 -20.64 -3.86 1.39
C LEU B 172 -21.61 -4.88 1.98
N SER B 173 -21.82 -6.03 1.33
CA SER B 173 -22.60 -7.09 1.94
C SER B 173 -21.97 -7.54 3.25
N HIS B 174 -20.66 -7.83 3.22
CA HIS B 174 -19.96 -8.28 4.42
C HIS B 174 -19.73 -7.12 5.39
N ALA B 175 -19.60 -5.89 4.89
CA ALA B 175 -19.60 -4.72 5.77
C ALA B 175 -20.89 -4.64 6.60
N LEU B 176 -22.04 -4.97 5.99
CA LEU B 176 -23.32 -5.00 6.70
C LEU B 176 -23.36 -6.12 7.74
N GLU B 177 -22.78 -7.29 7.41
CA GLU B 177 -22.67 -8.39 8.37
C GLU B 177 -21.76 -8.01 9.55
N ASP B 178 -20.59 -7.44 9.26
CA ASP B 178 -19.62 -7.09 10.31
C ASP B 178 -20.18 -6.05 11.28
N ALA B 179 -21.03 -5.15 10.78
CA ALA B 179 -21.50 -4.04 11.61
C ALA B 179 -22.25 -4.53 12.84
N GLU B 180 -22.97 -5.65 12.73
CA GLU B 180 -23.65 -6.19 13.90
C GLU B 180 -22.65 -6.46 15.03
N HIS B 181 -21.51 -7.07 14.70
CA HIS B 181 -20.53 -7.45 15.72
C HIS B 181 -19.80 -6.24 16.30
N PHE B 182 -19.69 -5.15 15.55
CA PHE B 182 -19.05 -3.95 16.07
C PHE B 182 -20.00 -3.06 16.84
N GLY B 183 -21.27 -3.50 16.97
CA GLY B 183 -22.25 -2.86 17.84
C GLY B 183 -23.39 -2.12 17.16
N TRP B 184 -23.52 -2.19 15.84
CA TRP B 184 -24.64 -1.56 15.15
C TRP B 184 -25.86 -2.48 15.14
N SER B 185 -27.04 -1.87 15.13
CA SER B 185 -28.30 -2.56 15.44
C SER B 185 -28.96 -3.27 14.27
N LEU B 186 -28.54 -3.03 13.03
CA LEU B 186 -29.18 -3.60 11.85
C LEU B 186 -29.21 -5.13 11.87
N ASP B 187 -30.14 -5.69 11.09
CA ASP B 187 -30.22 -7.14 10.92
C ASP B 187 -29.98 -7.50 9.45
N ARG B 188 -28.72 -7.83 9.14
CA ARG B 188 -28.28 -8.25 7.81
C ARG B 188 -29.28 -9.20 7.15
N SER B 189 -29.91 -10.07 7.94
CA SER B 189 -30.88 -11.03 7.44
C SER B 189 -31.99 -10.40 6.61
N LYS B 190 -32.38 -9.17 6.94
CA LYS B 190 -33.55 -8.54 6.35
C LYS B 190 -33.19 -7.51 5.28
N ILE B 191 -32.01 -7.62 4.67
CA ILE B 191 -31.53 -6.66 3.69
C ILE B 191 -31.28 -7.39 2.38
N SER B 192 -31.80 -6.84 1.29
CA SER B 192 -31.60 -7.44 -0.01
C SER B 192 -31.06 -6.38 -0.94
N HIS B 193 -30.67 -6.82 -2.13
CA HIS B 193 -30.04 -5.93 -3.10
C HIS B 193 -30.96 -5.69 -4.29
N ASN B 194 -30.79 -4.54 -4.94
CA ASN B 194 -31.56 -4.17 -6.12
C ASN B 194 -30.59 -3.92 -7.27
N TRP B 195 -30.60 -4.83 -8.26
CA TRP B 195 -29.64 -4.75 -9.36
C TRP B 195 -29.84 -3.50 -10.20
N SER B 196 -31.09 -3.14 -10.48
CA SER B 196 -31.29 -2.01 -11.38
C SER B 196 -30.92 -0.68 -10.73
N THR B 197 -31.08 -0.55 -9.40
CA THR B 197 -30.64 0.66 -8.72
C THR B 197 -29.15 0.83 -8.84
N MET B 198 -28.41 -0.27 -8.66
CA MET B 198 -26.97 -0.23 -8.83
C MET B 198 -26.57 0.16 -10.25
N VAL B 199 -27.20 -0.45 -11.27
CA VAL B 199 -26.78 -0.16 -12.64
C VAL B 199 -26.94 1.32 -12.95
N GLU B 200 -28.00 1.95 -12.43
CA GLU B 200 -28.20 3.38 -12.67
C GLU B 200 -27.06 4.22 -12.12
N GLY B 201 -26.57 3.92 -10.91
CA GLY B 201 -25.45 4.67 -10.37
C GLY B 201 -24.16 4.48 -11.14
N VAL B 202 -23.83 3.23 -11.46
CA VAL B 202 -22.63 2.93 -12.23
C VAL B 202 -22.71 3.59 -13.60
N GLN B 203 -23.86 3.51 -14.27
CA GLN B 203 -24.00 4.11 -15.60
C GLN B 203 -23.99 5.63 -15.54
N SER B 204 -24.53 6.22 -14.47
CA SER B 204 -24.41 7.66 -14.30
C SER B 204 -22.95 8.08 -14.17
N HIS B 205 -22.16 7.35 -13.41
CA HIS B 205 -20.77 7.77 -13.27
C HIS B 205 -20.01 7.55 -14.58
N ILE B 206 -20.35 6.48 -15.32
CA ILE B 206 -19.76 6.30 -16.65
C ILE B 206 -20.12 7.45 -17.57
N GLY B 207 -21.42 7.81 -17.61
CA GLY B 207 -21.85 8.90 -18.47
C GLY B 207 -21.09 10.18 -18.19
N SER B 208 -20.82 10.45 -16.91
CA SER B 208 -20.03 11.63 -16.57
C SER B 208 -18.61 11.52 -17.12
N LEU B 209 -18.09 10.30 -17.28
CA LEU B 209 -16.73 10.15 -17.82
C LEU B 209 -16.72 10.28 -19.34
N ASN B 210 -17.76 9.78 -20.01
CA ASN B 210 -17.90 10.03 -21.45
C ASN B 210 -17.81 11.53 -21.73
N TRP B 211 -18.61 12.32 -20.99
CA TRP B 211 -18.69 13.76 -21.21
C TRP B 211 -17.38 14.45 -20.88
N GLY B 212 -16.71 14.02 -19.81
CA GLY B 212 -15.45 14.62 -19.43
C GLY B 212 -14.38 14.50 -20.50
N TYR B 213 -14.37 13.36 -21.21
CA TYR B 213 -13.38 13.17 -22.28
C TYR B 213 -13.68 14.05 -23.50
N LYS B 214 -14.95 14.12 -23.92
CA LYS B 214 -15.33 15.06 -24.96
C LYS B 214 -14.89 16.49 -24.62
N VAL B 215 -15.05 16.90 -23.37
CA VAL B 215 -14.73 18.26 -22.99
C VAL B 215 -13.23 18.43 -22.85
N ALA B 216 -12.52 17.41 -22.34
CA ALA B 216 -11.06 17.47 -22.35
C ALA B 216 -10.54 17.61 -23.78
N LEU B 217 -11.10 16.86 -24.71
CA LEU B 217 -10.64 16.95 -26.09
C LEU B 217 -10.95 18.32 -26.70
N ARG B 218 -12.16 18.83 -26.48
CA ARG B 218 -12.48 20.17 -26.97
C ARG B 218 -11.46 21.20 -26.44
N ASP B 219 -11.19 21.19 -25.14
CA ASP B 219 -10.37 22.24 -24.54
C ASP B 219 -8.87 22.03 -24.73
N ASN B 220 -8.47 20.96 -25.42
CA ASN B 220 -7.08 20.76 -25.84
C ASN B 220 -6.90 21.04 -27.33
N GLN B 221 -7.99 21.33 -28.05
CA GLN B 221 -8.00 21.58 -29.50
C GLN B 221 -7.67 20.30 -30.28
N VAL B 222 -8.37 19.23 -29.93
CA VAL B 222 -8.28 17.93 -30.60
C VAL B 222 -9.61 17.66 -31.28
N THR B 223 -9.58 17.38 -32.58
CA THR B 223 -10.80 17.00 -33.30
C THR B 223 -11.20 15.59 -32.89
N TYR B 224 -12.43 15.43 -32.40
CA TYR B 224 -12.99 14.12 -32.07
C TYR B 224 -14.01 13.74 -33.14
N LEU B 225 -13.70 12.69 -33.90
CA LEU B 225 -14.60 12.19 -34.93
C LEU B 225 -15.14 10.83 -34.47
N ASN B 226 -16.44 10.76 -34.21
CA ASN B 226 -17.16 9.52 -33.90
C ASN B 226 -17.33 8.73 -35.21
N ALA B 227 -16.25 8.08 -35.63
CA ALA B 227 -16.23 7.41 -36.93
C ALA B 227 -15.27 6.23 -36.90
N LYS B 228 -15.58 5.21 -37.67
CA LYS B 228 -14.69 4.07 -37.78
C LYS B 228 -13.59 4.38 -38.78
N GLY B 229 -12.35 4.11 -38.39
CA GLY B 229 -11.20 4.42 -39.21
C GLY B 229 -10.51 3.20 -39.76
N ARG B 230 -9.74 3.40 -40.84
CA ARG B 230 -9.13 2.30 -41.59
C ARG B 230 -7.89 2.83 -42.29
N LEU B 231 -6.74 2.28 -41.94
CA LEU B 231 -5.50 2.64 -42.62
C LEU B 231 -5.50 2.01 -44.00
N ILE B 232 -5.52 2.83 -45.04
CA ILE B 232 -5.44 2.35 -46.42
C ILE B 232 -4.05 2.53 -47.02
N SER B 233 -3.38 3.63 -46.74
CA SER B 233 -1.97 3.84 -47.08
C SER B 233 -1.27 4.38 -45.85
N PRO B 234 0.07 4.51 -45.87
CA PRO B 234 0.80 4.90 -44.65
C PRO B 234 0.46 6.28 -44.11
N HIS B 235 -0.22 7.15 -44.87
CA HIS B 235 -0.60 8.46 -44.38
C HIS B 235 -2.09 8.76 -44.51
N GLU B 236 -2.90 7.79 -44.95
CA GLU B 236 -4.28 8.03 -45.34
C GLU B 236 -5.19 7.18 -44.47
N VAL B 237 -6.15 7.82 -43.81
CA VAL B 237 -7.11 7.11 -42.98
C VAL B 237 -8.49 7.39 -43.55
N GLN B 238 -9.25 6.33 -43.79
CA GLN B 238 -10.60 6.44 -44.33
C GLN B 238 -11.60 6.29 -43.20
N ILE B 239 -12.56 7.22 -43.13
CA ILE B 239 -13.49 7.32 -42.01
C ILE B 239 -14.91 7.13 -42.53
N THR B 240 -15.72 6.37 -41.79
CA THR B 240 -17.12 6.14 -42.12
C THR B 240 -18.01 6.73 -41.01
N ASP B 241 -18.95 7.59 -41.42
CA ASP B 241 -19.82 8.33 -40.53
C ASP B 241 -20.79 7.43 -39.79
N LYS B 242 -21.46 8.03 -38.79
CA LYS B 242 -22.71 7.46 -38.30
C LYS B 242 -23.79 7.50 -39.38
N ASN B 243 -23.69 8.45 -40.32
CA ASN B 243 -24.58 8.55 -41.46
C ASN B 243 -24.13 7.71 -42.64
N GLN B 244 -23.25 6.72 -42.42
CA GLN B 244 -22.69 5.86 -43.45
C GLN B 244 -21.78 6.60 -44.42
N LYS B 245 -21.46 7.88 -44.17
CA LYS B 245 -20.72 8.70 -45.12
C LYS B 245 -19.22 8.43 -45.04
N VAL B 246 -18.58 8.29 -46.21
CA VAL B 246 -17.18 7.89 -46.33
C VAL B 246 -16.36 9.07 -46.87
N SER B 247 -15.14 9.22 -46.37
CA SER B 247 -14.22 10.28 -46.79
C SER B 247 -12.80 9.89 -46.38
N THR B 248 -11.83 10.76 -46.66
CA THR B 248 -10.41 10.43 -46.48
C THR B 248 -9.66 11.62 -45.90
N ILE B 249 -9.08 11.44 -44.73
CA ILE B 249 -8.19 12.41 -44.14
C ILE B 249 -6.76 11.87 -44.19
N THR B 250 -5.80 12.74 -43.93
CA THR B 250 -4.38 12.39 -44.00
C THR B 250 -3.67 12.92 -42.77
N GLY B 251 -2.66 12.20 -42.34
CA GLY B 251 -1.89 12.64 -41.20
C GLY B 251 -0.45 12.23 -41.34
N ASN B 252 0.43 13.02 -40.74
CA ASN B 252 1.86 12.73 -40.79
C ASN B 252 2.19 11.48 -39.98
N LYS B 253 1.90 11.48 -38.67
CA LYS B 253 2.07 10.29 -37.83
C LYS B 253 0.73 9.65 -37.51
N ILE B 254 0.73 8.31 -37.43
CA ILE B 254 -0.46 7.52 -37.16
C ILE B 254 -0.21 6.67 -35.93
N ILE B 255 -1.17 6.65 -34.99
CA ILE B 255 -1.09 5.79 -33.80
C ILE B 255 -2.32 4.89 -33.78
N LEU B 256 -2.09 3.58 -33.82
CA LEU B 256 -3.17 2.59 -33.75
C LEU B 256 -3.37 2.15 -32.29
N ALA B 257 -4.62 2.23 -31.83
CA ALA B 257 -4.93 2.02 -30.42
C ALA B 257 -6.37 1.54 -30.28
N THR B 258 -6.69 0.40 -30.90
CA THR B 258 -8.08 0.03 -31.10
C THR B 258 -8.53 -1.12 -30.22
N GLY B 259 -7.65 -1.63 -29.36
CA GLY B 259 -8.07 -2.49 -28.26
C GLY B 259 -8.54 -3.86 -28.73
N GLU B 260 -9.44 -4.45 -27.94
CA GLU B 260 -9.91 -5.81 -28.18
C GLU B 260 -11.41 -5.90 -27.87
N ARG B 261 -11.99 -7.05 -28.16
CA ARG B 261 -13.38 -7.37 -27.89
C ARG B 261 -13.45 -8.82 -27.44
N PRO B 262 -14.53 -9.23 -26.79
CA PRO B 262 -14.62 -10.59 -26.24
C PRO B 262 -14.84 -11.65 -27.33
N LYS B 263 -14.21 -12.81 -27.16
CA LYS B 263 -14.47 -13.92 -28.05
C LYS B 263 -15.71 -14.72 -27.62
N TYR B 264 -16.26 -15.48 -28.57
CA TYR B 264 -17.26 -16.50 -28.30
C TYR B 264 -16.74 -17.85 -28.77
N PRO B 265 -17.07 -18.93 -28.07
CA PRO B 265 -16.77 -20.27 -28.60
C PRO B 265 -17.72 -20.63 -29.74
N GLU B 266 -17.19 -21.41 -30.68
CA GLU B 266 -17.99 -21.87 -31.83
C GLU B 266 -18.88 -23.03 -31.39
N ILE B 267 -19.98 -22.68 -30.74
CA ILE B 267 -20.98 -23.68 -30.36
C ILE B 267 -22.37 -23.12 -30.61
N PRO B 268 -23.31 -23.99 -30.94
CA PRO B 268 -24.65 -23.50 -31.27
C PRO B 268 -25.27 -22.82 -30.06
N GLY B 269 -25.87 -21.65 -30.30
CA GLY B 269 -26.58 -20.92 -29.28
C GLY B 269 -25.79 -19.82 -28.62
N ALA B 270 -24.47 -19.80 -28.80
CA ALA B 270 -23.62 -18.94 -27.98
C ALA B 270 -23.86 -17.47 -28.29
N VAL B 271 -23.62 -17.06 -29.54
CA VAL B 271 -23.85 -15.67 -29.90
C VAL B 271 -25.34 -15.32 -29.81
N GLU B 272 -26.22 -16.26 -30.14
CA GLU B 272 -27.65 -15.96 -30.15
C GLU B 272 -28.16 -15.71 -28.74
N TYR B 273 -27.81 -16.58 -27.78
CA TYR B 273 -28.46 -16.59 -26.48
C TYR B 273 -27.55 -16.28 -25.30
N GLY B 274 -26.24 -16.19 -25.49
CA GLY B 274 -25.33 -15.78 -24.44
C GLY B 274 -25.03 -14.28 -24.51
N ILE B 275 -24.36 -13.78 -23.46
CA ILE B 275 -23.82 -12.42 -23.40
C ILE B 275 -22.37 -12.48 -22.96
N THR B 276 -21.73 -11.31 -22.92
CA THR B 276 -20.38 -11.18 -22.39
C THR B 276 -20.27 -10.01 -21.43
N SER B 277 -19.03 -9.64 -21.10
CA SER B 277 -18.80 -8.51 -20.20
C SER B 277 -19.29 -7.19 -20.81
N ASP B 278 -19.14 -7.02 -22.13
CA ASP B 278 -19.63 -5.82 -22.80
C ASP B 278 -21.09 -5.53 -22.48
N ASP B 279 -21.91 -6.59 -22.26
CA ASP B 279 -23.32 -6.43 -21.96
C ASP B 279 -23.63 -6.42 -20.47
N LEU B 280 -22.78 -7.01 -19.62
CA LEU B 280 -23.19 -7.26 -18.25
C LEU B 280 -23.33 -5.96 -17.44
N PHE B 281 -22.56 -4.92 -17.79
CA PHE B 281 -22.49 -3.68 -17.00
C PHE B 281 -23.57 -2.66 -17.33
N SER B 282 -24.40 -2.89 -18.36
CA SER B 282 -25.57 -2.07 -18.59
C SER B 282 -26.86 -2.91 -18.66
N LEU B 283 -26.80 -4.17 -18.21
CA LEU B 283 -27.96 -5.06 -18.30
C LEU B 283 -29.18 -4.47 -17.60
N PRO B 284 -30.33 -4.41 -18.29
CA PRO B 284 -31.53 -3.83 -17.64
C PRO B 284 -32.15 -4.71 -16.57
N TYR B 285 -31.98 -6.03 -16.63
CA TYR B 285 -32.54 -6.96 -15.65
C TYR B 285 -31.42 -7.63 -14.86
N PHE B 286 -31.71 -8.06 -13.63
CA PHE B 286 -30.74 -8.87 -12.90
C PHE B 286 -30.53 -10.21 -13.60
N PRO B 287 -29.29 -10.68 -13.72
CA PRO B 287 -29.04 -11.97 -14.38
C PRO B 287 -29.82 -13.16 -13.84
N GLY B 288 -30.17 -13.20 -12.54
CA GLY B 288 -30.74 -14.42 -11.98
C GLY B 288 -29.70 -15.53 -11.85
N LYS B 289 -30.17 -16.79 -11.88
CA LYS B 289 -29.26 -17.93 -11.87
C LYS B 289 -28.39 -17.94 -13.13
N THR B 290 -27.07 -17.86 -12.95
CA THR B 290 -26.14 -17.49 -13.99
C THR B 290 -25.01 -18.50 -14.14
N LEU B 291 -24.66 -18.83 -15.38
CA LEU B 291 -23.53 -19.70 -15.67
C LEU B 291 -22.45 -18.83 -16.30
N VAL B 292 -21.28 -18.79 -15.67
CA VAL B 292 -20.09 -18.13 -16.22
C VAL B 292 -19.16 -19.20 -16.74
N ILE B 293 -18.80 -19.09 -18.01
CA ILE B 293 -17.95 -20.05 -18.71
C ILE B 293 -16.60 -19.40 -18.90
N GLY B 294 -15.56 -20.01 -18.36
CA GLY B 294 -14.22 -19.47 -18.40
C GLY B 294 -13.60 -19.40 -17.03
N ALA B 295 -12.31 -19.03 -17.01
CA ALA B 295 -11.56 -19.05 -15.75
C ALA B 295 -10.53 -17.94 -15.65
N SER B 296 -10.68 -16.86 -16.41
CA SER B 296 -9.78 -15.73 -16.36
C SER B 296 -10.15 -14.78 -15.22
N TYR B 297 -9.37 -13.70 -15.07
CA TYR B 297 -9.71 -12.72 -14.04
C TYR B 297 -11.05 -12.07 -14.31
N VAL B 298 -11.48 -12.00 -15.58
CA VAL B 298 -12.79 -11.43 -15.87
C VAL B 298 -13.88 -12.34 -15.31
N ALA B 299 -13.78 -13.65 -15.59
CA ALA B 299 -14.84 -14.58 -15.21
C ALA B 299 -14.93 -14.73 -13.70
N LEU B 300 -13.78 -14.83 -13.01
CA LEU B 300 -13.81 -14.95 -11.55
C LEU B 300 -14.29 -13.66 -10.88
N GLU B 301 -13.88 -12.49 -11.40
CA GLU B 301 -14.29 -11.24 -10.78
C GLU B 301 -15.79 -11.01 -10.91
N CYS B 302 -16.34 -11.30 -12.09
CA CYS B 302 -17.79 -11.17 -12.30
C CYS B 302 -18.56 -12.20 -11.47
N ALA B 303 -18.11 -13.46 -11.48
CA ALA B 303 -18.76 -14.47 -10.67
C ALA B 303 -18.74 -14.10 -9.20
N GLY B 304 -17.67 -13.42 -8.77
CA GLY B 304 -17.53 -13.04 -7.37
C GLY B 304 -18.53 -12.00 -6.91
N PHE B 305 -18.77 -10.95 -7.70
CA PHE B 305 -19.71 -9.97 -7.19
C PHE B 305 -21.18 -10.40 -7.34
N LEU B 306 -21.52 -11.23 -8.34
CA LEU B 306 -22.91 -11.71 -8.44
C LEU B 306 -23.28 -12.57 -7.24
N ALA B 307 -22.34 -13.40 -6.76
CA ALA B 307 -22.59 -14.17 -5.56
C ALA B 307 -22.77 -13.25 -4.36
N SER B 308 -21.89 -12.24 -4.23
CA SER B 308 -21.96 -11.32 -3.10
C SER B 308 -23.26 -10.52 -3.10
N LEU B 309 -23.75 -10.13 -4.28
CA LEU B 309 -25.05 -9.49 -4.43
C LEU B 309 -26.23 -10.43 -4.18
N GLY B 310 -25.99 -11.74 -4.12
CA GLY B 310 -27.02 -12.70 -3.79
C GLY B 310 -27.45 -13.61 -4.94
N GLY B 311 -26.73 -13.61 -6.05
CA GLY B 311 -27.08 -14.47 -7.14
C GLY B 311 -26.67 -15.91 -6.90
N ASP B 312 -27.28 -16.78 -7.70
CA ASP B 312 -27.02 -18.22 -7.72
C ASP B 312 -26.13 -18.46 -8.93
N VAL B 313 -24.85 -18.73 -8.70
CA VAL B 313 -23.79 -18.53 -9.67
C VAL B 313 -22.97 -19.81 -9.82
N THR B 314 -22.60 -20.15 -11.06
CA THR B 314 -21.76 -21.30 -11.34
C THR B 314 -20.70 -20.93 -12.36
N VAL B 315 -19.48 -21.42 -12.16
CA VAL B 315 -18.33 -21.14 -13.03
C VAL B 315 -17.86 -22.46 -13.62
N MET B 316 -17.82 -22.54 -14.97
CA MET B 316 -17.41 -23.73 -15.69
C MET B 316 -15.92 -23.61 -16.05
N VAL B 317 -15.10 -24.44 -15.43
CA VAL B 317 -13.66 -24.37 -15.58
C VAL B 317 -13.23 -25.49 -16.51
N ARG B 318 -12.54 -25.13 -17.59
CA ARG B 318 -12.08 -26.14 -18.53
C ARG B 318 -10.89 -26.92 -17.96
N SER B 319 -9.89 -26.19 -17.44
CA SER B 319 -8.67 -26.80 -16.92
C SER B 319 -8.26 -26.20 -15.57
N ILE B 320 -7.74 -24.96 -15.57
CA ILE B 320 -7.28 -24.32 -14.35
C ILE B 320 -7.83 -22.89 -14.23
N LEU B 321 -7.72 -22.36 -13.02
CA LEU B 321 -8.00 -20.95 -12.77
C LEU B 321 -6.79 -20.09 -13.09
N LEU B 322 -7.04 -18.91 -13.69
CA LEU B 322 -6.04 -17.86 -13.81
C LEU B 322 -4.73 -18.39 -14.41
N ARG B 323 -4.84 -19.05 -15.57
CA ARG B 323 -3.64 -19.49 -16.29
C ARG B 323 -2.65 -18.33 -16.44
N GLY B 324 -1.37 -18.64 -16.27
CA GLY B 324 -0.33 -17.63 -16.34
C GLY B 324 0.03 -16.97 -15.02
N PHE B 325 -0.82 -17.08 -13.99
CA PHE B 325 -0.54 -16.55 -12.67
C PHE B 325 0.05 -17.64 -11.75
N ASP B 326 0.52 -17.22 -10.57
CA ASP B 326 0.99 -18.16 -9.55
C ASP B 326 -0.13 -19.12 -9.14
N GLN B 327 0.10 -20.42 -9.35
CA GLN B 327 -1.00 -21.37 -9.21
C GLN B 327 -1.34 -21.69 -7.76
N GLN B 328 -0.40 -21.53 -6.84
CA GLN B 328 -0.78 -21.65 -5.44
C GLN B 328 -1.73 -20.54 -5.07
N MET B 329 -1.44 -19.33 -5.55
CA MET B 329 -2.31 -18.18 -5.31
C MET B 329 -3.66 -18.37 -5.99
N ALA B 330 -3.65 -18.77 -7.27
CA ALA B 330 -4.90 -19.00 -7.99
C ALA B 330 -5.83 -19.92 -7.22
N GLU B 331 -5.26 -21.02 -6.69
CA GLU B 331 -6.05 -22.01 -5.97
C GLU B 331 -6.56 -21.48 -4.64
N LYS B 332 -5.80 -20.62 -3.95
CA LYS B 332 -6.32 -20.03 -2.73
C LYS B 332 -7.49 -19.10 -3.02
N VAL B 333 -7.37 -18.31 -4.10
CA VAL B 333 -8.48 -17.52 -4.62
C VAL B 333 -9.71 -18.40 -4.80
N GLY B 334 -9.55 -19.51 -5.52
CA GLY B 334 -10.68 -20.35 -5.87
C GLY B 334 -11.29 -21.07 -4.68
N ASP B 335 -10.45 -21.44 -3.70
CA ASP B 335 -10.96 -22.06 -2.49
C ASP B 335 -11.78 -21.08 -1.66
N TYR B 336 -11.29 -19.84 -1.53
CA TYR B 336 -12.10 -18.83 -0.85
C TYR B 336 -13.48 -18.71 -1.50
N MET B 337 -13.51 -18.55 -2.84
CA MET B 337 -14.76 -18.39 -3.55
C MET B 337 -15.71 -19.58 -3.32
N GLU B 338 -15.18 -20.81 -3.44
CA GLU B 338 -16.00 -21.99 -3.26
C GLU B 338 -16.58 -22.06 -1.86
N ASN B 339 -15.86 -21.57 -0.85
CA ASN B 339 -16.38 -21.57 0.51
C ASN B 339 -17.39 -20.47 0.76
N HIS B 340 -17.48 -19.47 -0.12
CA HIS B 340 -18.42 -18.37 0.10
C HIS B 340 -19.51 -18.27 -0.97
N GLY B 341 -19.82 -19.38 -1.65
CA GLY B 341 -21.05 -19.47 -2.40
C GLY B 341 -20.91 -19.48 -3.90
N VAL B 342 -19.71 -19.48 -4.45
CA VAL B 342 -19.52 -19.66 -5.88
C VAL B 342 -19.33 -21.16 -6.13
N LYS B 343 -20.21 -21.75 -6.96
CA LYS B 343 -20.03 -23.14 -7.35
C LYS B 343 -19.16 -23.25 -8.60
N PHE B 344 -18.40 -24.34 -8.69
CA PHE B 344 -17.60 -24.64 -9.86
C PHE B 344 -17.97 -26.01 -10.40
N ALA B 345 -17.96 -26.11 -11.74
CA ALA B 345 -18.01 -27.38 -12.46
C ALA B 345 -16.61 -27.58 -13.04
N LYS B 346 -15.83 -28.45 -12.41
CA LYS B 346 -14.41 -28.56 -12.66
C LYS B 346 -14.15 -29.54 -13.81
N LEU B 347 -13.23 -29.14 -14.70
CA LEU B 347 -12.86 -29.95 -15.86
C LEU B 347 -14.08 -30.27 -16.73
N CYS B 348 -14.74 -29.21 -17.18
CA CYS B 348 -16.01 -29.25 -17.91
C CYS B 348 -15.98 -28.20 -19.00
N VAL B 349 -16.69 -28.47 -20.11
CA VAL B 349 -16.65 -27.61 -21.31
C VAL B 349 -18.05 -27.61 -21.94
N PRO B 350 -18.54 -26.51 -22.52
CA PRO B 350 -19.91 -26.50 -23.07
C PRO B 350 -20.01 -26.98 -24.51
N ASP B 351 -21.18 -27.52 -24.85
CA ASP B 351 -21.45 -27.98 -26.20
C ASP B 351 -22.51 -27.17 -26.93
N GLU B 352 -23.56 -26.72 -26.25
CA GLU B 352 -24.58 -25.95 -26.92
C GLU B 352 -25.42 -25.24 -25.87
N ILE B 353 -26.10 -24.19 -26.32
CA ILE B 353 -27.05 -23.42 -25.51
C ILE B 353 -28.38 -23.45 -26.25
N LYS B 354 -29.42 -23.91 -25.57
CA LYS B 354 -30.76 -24.01 -26.14
C LYS B 354 -31.65 -22.97 -25.49
N GLN B 355 -32.45 -22.28 -26.29
CA GLN B 355 -33.42 -21.35 -25.72
C GLN B 355 -34.63 -22.13 -25.24
N LEU B 356 -35.06 -21.85 -24.00
CA LEU B 356 -36.33 -22.33 -23.47
C LEU B 356 -37.36 -21.24 -23.33
N LYS B 357 -36.92 -19.99 -23.21
CA LYS B 357 -37.78 -18.84 -22.95
C LYS B 357 -37.03 -17.61 -23.48
N VAL B 358 -37.76 -16.69 -24.14
CA VAL B 358 -37.14 -15.49 -24.71
C VAL B 358 -37.07 -14.42 -23.63
N VAL B 359 -36.03 -13.58 -23.71
CA VAL B 359 -35.90 -12.41 -22.82
C VAL B 359 -37.16 -11.55 -22.92
N ASP B 360 -37.75 -11.23 -21.76
CA ASP B 360 -38.94 -10.39 -21.67
C ASP B 360 -38.54 -8.92 -21.51
N THR B 361 -38.45 -8.21 -22.64
CA THR B 361 -37.99 -6.82 -22.61
C THR B 361 -38.97 -5.91 -21.87
N GLU B 362 -40.26 -6.25 -21.88
CA GLU B 362 -41.27 -5.34 -21.36
C GLU B 362 -41.29 -5.33 -19.83
N ASN B 363 -41.47 -6.51 -19.22
CA ASN B 363 -41.47 -6.62 -17.77
C ASN B 363 -40.07 -6.58 -17.17
N ASN B 364 -39.03 -6.56 -18.01
CA ASN B 364 -37.64 -6.49 -17.54
C ASN B 364 -37.28 -7.73 -16.71
N LYS B 365 -37.20 -8.87 -17.41
CA LYS B 365 -36.85 -10.17 -16.85
C LYS B 365 -35.98 -10.94 -17.84
N PRO B 366 -35.08 -11.79 -17.36
CA PRO B 366 -34.27 -12.59 -18.28
C PRO B 366 -35.07 -13.74 -18.84
N GLY B 367 -34.47 -14.44 -19.80
CA GLY B 367 -35.08 -15.60 -20.40
C GLY B 367 -34.86 -16.87 -19.60
N LEU B 368 -34.83 -18.00 -20.31
CA LEU B 368 -34.48 -19.29 -19.71
C LEU B 368 -33.68 -20.06 -20.74
N LEU B 369 -32.56 -20.66 -20.32
CA LEU B 369 -31.67 -21.36 -21.23
C LEU B 369 -31.40 -22.74 -20.69
N LEU B 370 -31.10 -23.67 -21.60
CA LEU B 370 -30.58 -24.99 -21.23
C LEU B 370 -29.14 -25.11 -21.73
N VAL B 371 -28.24 -25.50 -20.84
CA VAL B 371 -26.83 -25.63 -21.19
C VAL B 371 -26.47 -27.11 -21.11
N LYS B 372 -25.87 -27.61 -22.19
CA LYS B 372 -25.44 -28.99 -22.32
C LYS B 372 -23.95 -29.03 -22.57
N GLY B 373 -23.22 -29.81 -21.79
CA GLY B 373 -21.81 -30.01 -22.04
C GLY B 373 -21.32 -31.30 -21.43
N HIS B 374 -20.00 -31.44 -21.37
CA HIS B 374 -19.42 -32.69 -20.89
C HIS B 374 -18.10 -32.46 -20.14
N TYR B 375 -17.89 -33.25 -19.09
CA TYR B 375 -16.62 -33.29 -18.37
C TYR B 375 -15.58 -34.10 -19.14
N THR B 376 -14.30 -33.90 -18.79
CA THR B 376 -13.23 -34.72 -19.32
C THR B 376 -13.41 -36.21 -18.99
N ASP B 377 -14.20 -36.55 -17.98
CA ASP B 377 -14.41 -37.96 -17.70
C ASP B 377 -15.50 -38.59 -18.58
N GLY B 378 -16.06 -37.83 -19.54
CA GLY B 378 -17.11 -38.33 -20.40
C GLY B 378 -18.53 -38.13 -19.88
N LYS B 379 -18.71 -38.01 -18.56
CA LYS B 379 -20.03 -37.74 -18.00
C LYS B 379 -20.57 -36.41 -18.53
N LYS B 380 -21.87 -36.30 -18.55
CA LYS B 380 -22.55 -35.19 -19.20
C LYS B 380 -22.92 -34.11 -18.19
N PHE B 381 -22.94 -32.87 -18.68
CA PHE B 381 -23.46 -31.73 -17.95
C PHE B 381 -24.82 -31.35 -18.54
N GLU B 382 -25.81 -31.11 -17.68
CA GLU B 382 -27.07 -30.55 -18.16
C GLU B 382 -27.79 -29.79 -17.05
N GLU B 383 -27.93 -28.48 -17.22
CA GLU B 383 -28.56 -27.61 -16.22
C GLU B 383 -29.14 -26.38 -16.93
N GLU B 384 -30.23 -25.86 -16.37
CA GLU B 384 -30.87 -24.64 -16.88
C GLU B 384 -30.30 -23.41 -16.17
N PHE B 385 -30.13 -22.31 -16.92
CA PHE B 385 -29.58 -21.07 -16.40
C PHE B 385 -30.33 -19.90 -17.01
N GLU B 386 -30.69 -18.91 -16.18
CA GLU B 386 -31.38 -17.72 -16.69
C GLU B 386 -30.46 -16.84 -17.55
N THR B 387 -29.15 -16.83 -17.25
CA THR B 387 -28.16 -16.06 -17.98
C THR B 387 -26.92 -16.93 -18.19
N VAL B 388 -26.26 -16.76 -19.32
CA VAL B 388 -24.98 -17.41 -19.57
C VAL B 388 -24.03 -16.33 -20.09
N ILE B 389 -22.86 -16.23 -19.46
CA ILE B 389 -21.85 -15.21 -19.75
C ILE B 389 -20.59 -15.93 -20.23
N PHE B 390 -20.11 -15.57 -21.41
CA PHE B 390 -18.83 -16.07 -21.90
C PHE B 390 -17.72 -15.10 -21.52
N ALA B 391 -16.68 -15.65 -20.90
CA ALA B 391 -15.45 -14.94 -20.60
C ALA B 391 -14.31 -15.86 -20.99
N VAL B 392 -14.15 -16.08 -22.29
CA VAL B 392 -13.19 -17.07 -22.75
C VAL B 392 -12.13 -16.41 -23.62
N GLY B 393 -11.80 -15.17 -23.30
CA GLY B 393 -10.70 -14.48 -23.94
C GLY B 393 -11.16 -13.28 -24.74
N ARG B 394 -10.17 -12.52 -25.22
CA ARG B 394 -10.38 -11.27 -25.93
C ARG B 394 -9.40 -11.21 -27.09
N GLU B 395 -9.83 -10.67 -28.23
CA GLU B 395 -8.94 -10.64 -29.38
C GLU B 395 -9.10 -9.36 -30.18
N PRO B 396 -8.02 -8.91 -30.83
CA PRO B 396 -8.11 -7.77 -31.74
C PRO B 396 -8.71 -8.15 -33.08
N GLN B 397 -9.21 -7.15 -33.77
CA GLN B 397 -9.85 -7.32 -35.06
C GLN B 397 -9.21 -6.31 -36.01
N LEU B 398 -7.94 -6.54 -36.34
CA LEU B 398 -7.19 -5.59 -37.12
C LEU B 398 -7.54 -5.64 -38.60
N SER B 399 -8.18 -6.72 -39.04
CA SER B 399 -8.72 -6.78 -40.39
C SER B 399 -9.63 -5.59 -40.71
N LYS B 400 -10.45 -5.17 -39.74
CA LYS B 400 -11.39 -4.06 -39.90
C LYS B 400 -10.72 -2.70 -39.80
N VAL B 401 -9.41 -2.67 -39.53
CA VAL B 401 -8.72 -1.44 -39.15
C VAL B 401 -7.59 -1.20 -40.14
N LEU B 402 -7.05 -2.30 -40.67
CA LEU B 402 -5.72 -2.32 -41.27
C LEU B 402 -5.78 -3.02 -42.63
N CYS B 403 -5.67 -2.26 -43.72
CA CYS B 403 -5.57 -2.88 -45.04
C CYS B 403 -4.25 -3.61 -45.17
N GLU B 404 -4.34 -4.89 -45.56
CA GLU B 404 -3.17 -5.75 -45.70
C GLU B 404 -2.08 -5.09 -46.57
N THR B 405 -2.47 -4.25 -47.53
CA THR B 405 -1.51 -3.69 -48.45
C THR B 405 -0.58 -2.66 -47.80
N VAL B 406 -0.91 -2.16 -46.60
CA VAL B 406 -0.14 -1.06 -46.03
C VAL B 406 1.23 -1.51 -45.57
N GLY B 407 1.34 -2.76 -45.13
CA GLY B 407 2.62 -3.28 -44.70
C GLY B 407 2.83 -3.33 -43.21
N VAL B 408 1.77 -3.30 -42.40
CA VAL B 408 1.91 -3.45 -40.96
C VAL B 408 1.98 -4.94 -40.61
N LYS B 409 3.09 -5.37 -40.02
CA LYS B 409 3.33 -6.78 -39.73
C LYS B 409 2.70 -7.20 -38.40
N LEU B 410 2.10 -8.39 -38.40
CA LEU B 410 1.32 -8.92 -37.28
C LEU B 410 1.80 -10.32 -36.90
N ASP B 411 1.73 -10.63 -35.60
CA ASP B 411 2.11 -11.96 -35.13
C ASP B 411 0.97 -12.95 -35.41
N LYS B 412 1.18 -14.22 -35.02
CA LYS B 412 0.18 -15.25 -35.30
C LYS B 412 -1.15 -14.96 -34.62
N ASN B 413 -1.13 -14.24 -33.50
CA ASN B 413 -2.37 -13.94 -32.79
C ASN B 413 -3.20 -12.83 -33.44
N GLY B 414 -2.59 -11.99 -34.27
CA GLY B 414 -3.25 -10.81 -34.79
C GLY B 414 -2.84 -9.50 -34.12
N ARG B 415 -1.76 -9.50 -33.36
CA ARG B 415 -1.26 -8.30 -32.69
C ARG B 415 -0.09 -7.71 -33.46
N VAL B 416 0.15 -6.41 -33.24
CA VAL B 416 1.10 -5.63 -34.02
C VAL B 416 2.49 -5.79 -33.45
N VAL B 417 3.42 -6.29 -34.28
CA VAL B 417 4.83 -6.34 -33.88
C VAL B 417 5.39 -4.93 -33.84
N CYS B 418 6.08 -4.60 -32.74
CA CYS B 418 6.63 -3.26 -32.58
C CYS B 418 8.03 -3.35 -32.01
N THR B 419 8.88 -2.37 -32.36
CA THR B 419 10.14 -2.16 -31.66
C THR B 419 9.87 -1.64 -30.25
N ASP B 420 10.95 -1.37 -29.50
CA ASP B 420 10.82 -1.00 -28.09
C ASP B 420 10.42 0.46 -27.90
N ASP B 421 10.21 1.22 -28.97
CA ASP B 421 9.58 2.53 -28.89
C ASP B 421 8.25 2.57 -29.63
N GLU B 422 7.63 1.41 -29.86
CA GLU B 422 6.28 1.22 -30.38
C GLU B 422 6.17 1.39 -31.89
N GLN B 423 7.27 1.45 -32.64
CA GLN B 423 7.21 1.63 -34.10
C GLN B 423 6.81 0.32 -34.79
N THR B 424 5.86 0.40 -35.73
CA THR B 424 5.49 -0.75 -36.56
C THR B 424 6.59 -0.97 -37.61
N THR B 425 6.34 -1.88 -38.56
CA THR B 425 7.23 -2.08 -39.70
C THR B 425 7.13 -0.96 -40.75
N VAL B 426 6.11 -0.11 -40.65
CA VAL B 426 5.97 1.09 -41.47
C VAL B 426 6.38 2.27 -40.59
N SER B 427 7.32 3.07 -41.06
CA SER B 427 8.10 3.87 -40.14
C SER B 427 7.30 5.01 -39.47
N ASN B 428 6.18 5.44 -40.03
CA ASN B 428 5.42 6.55 -39.46
C ASN B 428 4.18 6.09 -38.69
N VAL B 429 4.06 4.79 -38.44
CA VAL B 429 2.88 4.20 -37.82
C VAL B 429 3.32 3.51 -36.53
N TYR B 430 2.65 3.82 -35.43
CA TYR B 430 2.94 3.16 -34.15
C TYR B 430 1.67 2.46 -33.64
N ALA B 431 1.85 1.63 -32.61
CA ALA B 431 0.77 0.90 -31.97
C ALA B 431 0.98 0.88 -30.46
N ILE B 432 -0.12 1.07 -29.70
CA ILE B 432 -0.05 1.16 -28.25
C ILE B 432 -1.20 0.36 -27.62
N GLY B 433 -0.96 -0.14 -26.41
CA GLY B 433 -2.04 -0.80 -25.70
C GLY B 433 -2.19 -2.28 -26.04
N ASP B 434 -3.43 -2.75 -25.94
CA ASP B 434 -3.70 -4.18 -26.01
C ASP B 434 -3.27 -4.81 -27.34
N ILE B 435 -3.16 -4.03 -28.42
CA ILE B 435 -2.75 -4.59 -29.71
C ILE B 435 -1.23 -4.61 -29.91
N ASN B 436 -0.44 -4.06 -28.97
CA ASN B 436 1.01 -4.23 -29.00
C ASN B 436 1.36 -5.64 -28.53
N ALA B 437 2.03 -6.42 -29.37
CA ALA B 437 2.31 -7.82 -29.04
C ALA B 437 3.30 -7.92 -27.88
N GLY B 438 3.07 -8.88 -26.99
CA GLY B 438 3.96 -9.16 -25.90
C GLY B 438 3.95 -8.21 -24.71
N LYS B 439 3.02 -7.18 -24.69
CA LYS B 439 3.04 -6.22 -23.60
C LYS B 439 1.91 -6.50 -22.63
N PRO B 440 2.10 -6.22 -21.34
CA PRO B 440 1.00 -6.39 -20.38
C PRO B 440 -0.24 -5.62 -20.86
N GLN B 441 -1.38 -6.30 -20.84
CA GLN B 441 -2.62 -5.70 -21.34
C GLN B 441 -3.34 -5.08 -20.14
N LEU B 442 -2.97 -3.83 -19.81
CA LEU B 442 -3.43 -3.15 -18.61
C LEU B 442 -3.62 -1.68 -18.90
N THR B 443 -4.60 -1.04 -18.23
CA THR B 443 -4.93 0.34 -18.57
C THR B 443 -3.81 1.32 -18.22
N PRO B 444 -3.17 1.27 -17.04
CA PRO B 444 -2.05 2.19 -16.80
C PRO B 444 -0.92 2.04 -17.80
N VAL B 445 -0.64 0.82 -18.28
CA VAL B 445 0.40 0.62 -19.29
C VAL B 445 0.05 1.36 -20.57
N ALA B 446 -1.21 1.28 -21.01
CA ALA B 446 -1.62 1.98 -22.23
C ALA B 446 -1.59 3.50 -22.07
N ILE B 447 -1.68 4.03 -20.85
CA ILE B 447 -1.58 5.48 -20.68
C ILE B 447 -0.13 5.92 -20.76
N GLN B 448 0.78 5.15 -20.16
CA GLN B 448 2.19 5.52 -20.12
C GLN B 448 2.84 5.34 -21.49
N ALA B 449 2.60 4.21 -22.16
CA ALA B 449 2.96 4.10 -23.58
C ALA B 449 2.48 5.33 -24.36
N GLY B 450 1.21 5.70 -24.20
CA GLY B 450 0.66 6.80 -24.99
C GLY B 450 1.31 8.15 -24.68
N ARG B 451 1.46 8.48 -23.39
CA ARG B 451 2.01 9.79 -23.06
C ARG B 451 3.49 9.90 -23.40
N TYR B 452 4.24 8.78 -23.35
CA TYR B 452 5.66 8.85 -23.63
C TYR B 452 5.95 8.90 -25.13
N LEU B 453 5.14 8.19 -25.93
CA LEU B 453 5.35 8.23 -27.37
C LEU B 453 5.13 9.63 -27.92
N ALA B 454 4.02 10.27 -27.53
CA ALA B 454 3.74 11.63 -27.97
C ALA B 454 4.89 12.57 -27.60
N ARG B 455 5.45 12.41 -26.41
CA ARG B 455 6.58 13.26 -26.00
C ARG B 455 7.78 13.08 -26.92
N ARG B 456 8.08 11.84 -27.31
CA ARG B 456 9.21 11.59 -28.21
C ARG B 456 8.96 12.17 -29.61
N LEU B 457 7.72 12.03 -30.12
CA LEU B 457 7.45 12.48 -31.48
C LEU B 457 7.45 14.01 -31.60
N PHE B 458 6.84 14.71 -30.64
CA PHE B 458 6.58 16.13 -30.79
C PHE B 458 7.31 17.03 -29.80
N ALA B 459 8.10 16.47 -28.88
CA ALA B 459 8.82 17.28 -27.91
C ALA B 459 10.29 16.98 -27.81
N GLY B 460 10.80 15.96 -28.49
CA GLY B 460 12.22 15.63 -28.39
C GLY B 460 12.61 14.85 -27.16
N ALA B 461 11.64 14.24 -26.48
CA ALA B 461 11.92 13.39 -25.34
C ALA B 461 12.50 12.06 -25.78
N THR B 462 13.26 11.42 -24.89
CA THR B 462 13.87 10.12 -25.17
C THR B 462 13.40 8.98 -24.27
N GLU B 463 12.69 9.28 -23.18
CA GLU B 463 12.20 8.26 -22.26
C GLU B 463 11.36 7.19 -22.97
N LEU B 464 11.72 5.92 -22.74
CA LEU B 464 10.91 4.77 -23.14
C LEU B 464 10.02 4.30 -21.99
N THR B 465 8.95 3.59 -22.36
CA THR B 465 8.12 2.85 -21.40
C THR B 465 8.84 1.57 -20.95
N ASP B 466 8.95 1.38 -19.64
CA ASP B 466 9.51 0.15 -19.07
C ASP B 466 8.35 -0.77 -18.76
N TYR B 467 8.33 -1.93 -19.42
CA TYR B 467 7.22 -2.88 -19.31
C TYR B 467 7.48 -4.03 -18.33
N SER B 468 8.66 -4.12 -17.72
CA SER B 468 8.91 -5.28 -16.89
C SER B 468 8.38 -5.04 -15.48
N ASN B 469 8.03 -6.14 -14.81
CA ASN B 469 7.63 -6.11 -13.40
C ASN B 469 6.46 -5.16 -13.14
N VAL B 470 5.48 -5.13 -14.06
CA VAL B 470 4.29 -4.29 -13.89
C VAL B 470 3.33 -5.00 -12.94
N ALA B 471 2.99 -4.33 -11.83
CA ALA B 471 2.14 -4.92 -10.80
C ALA B 471 0.71 -5.09 -11.31
N THR B 472 0.00 -6.05 -10.71
CA THR B 472 -1.39 -6.37 -11.07
C THR B 472 -2.22 -6.55 -9.79
N THR B 473 -3.54 -6.52 -9.93
CA THR B 473 -4.44 -6.93 -8.85
C THR B 473 -5.71 -7.55 -9.43
N VAL B 474 -6.04 -8.74 -8.97
CA VAL B 474 -7.26 -9.43 -9.36
C VAL B 474 -8.31 -9.14 -8.30
N PHE B 475 -9.46 -8.60 -8.70
CA PHE B 475 -10.45 -8.10 -7.74
C PHE B 475 -11.56 -9.12 -7.42
N THR B 476 -11.15 -10.35 -7.13
CA THR B 476 -12.05 -11.40 -6.62
C THR B 476 -12.56 -11.01 -5.22
N PRO B 477 -13.55 -11.74 -4.69
CA PRO B 477 -14.08 -11.38 -3.36
C PRO B 477 -13.02 -11.17 -2.29
N LEU B 478 -12.01 -12.03 -2.26
CA LEU B 478 -10.75 -11.77 -1.56
C LEU B 478 -9.71 -11.41 -2.63
N GLU B 479 -9.19 -10.19 -2.56
CA GLU B 479 -8.33 -9.67 -3.63
C GLU B 479 -6.92 -10.29 -3.62
N TYR B 480 -6.30 -10.34 -4.81
CA TYR B 480 -5.01 -11.00 -5.01
C TYR B 480 -4.09 -10.01 -5.72
N GLY B 481 -3.06 -9.55 -5.00
CA GLY B 481 -2.09 -8.62 -5.56
C GLY B 481 -0.80 -9.36 -5.87
N ALA B 482 -0.15 -8.97 -6.95
CA ALA B 482 1.09 -9.61 -7.39
C ALA B 482 1.99 -8.58 -8.05
N CYS B 483 3.29 -8.75 -7.85
CA CYS B 483 4.29 -7.97 -8.59
C CYS B 483 5.51 -8.84 -8.86
N GLY B 484 5.84 -9.06 -10.12
CA GLY B 484 7.01 -9.86 -10.46
C GLY B 484 6.73 -11.30 -10.86
N LEU B 485 7.77 -12.13 -10.80
CA LEU B 485 7.65 -13.54 -11.19
C LEU B 485 6.84 -14.32 -10.16
N SER B 486 6.01 -15.25 -10.66
CA SER B 486 5.40 -16.24 -9.78
C SER B 486 6.41 -17.32 -9.39
N GLU B 487 6.06 -18.09 -8.36
CA GLU B 487 7.02 -19.05 -7.79
C GLU B 487 7.47 -20.08 -8.83
N GLU B 488 6.53 -20.67 -9.57
CA GLU B 488 6.93 -21.69 -10.54
C GLU B 488 7.78 -21.10 -11.66
N ASP B 489 7.62 -19.82 -11.96
CA ASP B 489 8.42 -19.20 -13.01
C ASP B 489 9.86 -18.96 -12.55
N ALA B 490 10.04 -18.50 -11.30
CA ALA B 490 11.39 -18.31 -10.80
C ALA B 490 12.13 -19.63 -10.68
N ILE B 491 11.46 -20.66 -10.13
CA ILE B 491 12.08 -21.97 -10.00
C ILE B 491 12.53 -22.49 -11.37
N GLU B 492 11.65 -22.40 -12.37
CA GLU B 492 12.02 -22.83 -13.72
C GLU B 492 13.24 -22.04 -14.24
N LYS B 493 13.26 -20.73 -14.01
CA LYS B 493 14.29 -19.88 -14.62
C LYS B 493 15.66 -20.02 -13.95
N TYR B 494 15.71 -20.30 -12.64
CA TYR B 494 16.97 -20.35 -11.89
C TYR B 494 17.22 -21.68 -11.20
N GLY B 495 16.27 -22.60 -11.18
CA GLY B 495 16.50 -23.86 -10.52
C GLY B 495 16.16 -23.81 -9.04
N ASP B 496 15.61 -24.91 -8.53
CA ASP B 496 14.95 -24.85 -7.23
C ASP B 496 15.94 -24.61 -6.08
N LYS B 497 17.20 -25.00 -6.24
CA LYS B 497 18.13 -24.82 -5.12
C LYS B 497 18.54 -23.36 -4.96
N ASP B 498 18.31 -22.53 -5.98
CA ASP B 498 18.61 -21.11 -5.95
C ASP B 498 17.40 -20.24 -5.55
N ILE B 499 16.29 -20.84 -5.12
CA ILE B 499 15.08 -20.09 -4.81
C ILE B 499 14.71 -20.33 -3.35
N GLU B 500 14.52 -19.23 -2.61
CA GLU B 500 14.05 -19.23 -1.23
C GLU B 500 12.73 -18.48 -1.20
N VAL B 501 11.76 -19.02 -0.46
CA VAL B 501 10.43 -18.42 -0.37
C VAL B 501 10.10 -18.19 1.10
N TYR B 502 9.93 -16.92 1.48
CA TYR B 502 9.40 -16.54 2.77
C TYR B 502 7.90 -16.33 2.64
N HIS B 503 7.14 -16.79 3.63
CA HIS B 503 5.69 -16.72 3.56
C HIS B 503 5.10 -16.74 4.97
N SER B 504 3.81 -16.37 5.05
CA SER B 504 3.08 -16.22 6.32
C SER B 504 1.60 -16.06 6.04
N ASN B 505 0.77 -16.71 6.86
CA ASN B 505 -0.63 -16.36 6.93
C ASN B 505 -0.82 -15.09 7.76
N PHE B 506 -1.95 -14.42 7.56
CA PHE B 506 -2.26 -13.32 8.46
C PHE B 506 -3.76 -13.19 8.58
N LYS B 507 -4.16 -12.30 9.49
CA LYS B 507 -5.56 -12.04 9.78
C LYS B 507 -5.71 -10.54 9.99
N PRO B 508 -6.53 -9.84 9.20
CA PRO B 508 -6.69 -8.40 9.44
C PRO B 508 -7.29 -8.18 10.83
N LEU B 509 -6.86 -7.09 11.47
CA LEU B 509 -7.44 -6.74 12.77
C LEU B 509 -8.95 -6.59 12.68
N GLU B 510 -9.44 -6.05 11.56
CA GLU B 510 -10.88 -5.86 11.36
C GLU B 510 -11.65 -7.19 11.37
N TRP B 511 -10.99 -8.30 11.11
CA TRP B 511 -11.66 -9.59 11.08
C TRP B 511 -11.74 -10.26 12.45
N THR B 512 -11.08 -9.70 13.47
CA THR B 512 -11.09 -10.34 14.78
C THR B 512 -12.47 -10.22 15.43
N VAL B 513 -12.95 -8.99 15.62
CA VAL B 513 -14.25 -8.82 16.26
C VAL B 513 -15.37 -9.33 15.35
N ALA B 514 -15.14 -9.35 14.03
CA ALA B 514 -16.16 -9.80 13.07
C ALA B 514 -16.28 -11.32 12.97
N HIS B 515 -15.41 -12.08 13.68
CA HIS B 515 -15.39 -13.56 13.66
C HIS B 515 -15.24 -14.13 12.25
N ARG B 516 -14.30 -13.57 11.47
CA ARG B 516 -13.93 -14.14 10.17
C ARG B 516 -12.71 -15.04 10.32
N GLU B 517 -12.37 -15.74 9.23
CA GLU B 517 -11.43 -16.86 9.31
C GLU B 517 -10.02 -16.42 9.69
N ASP B 518 -9.29 -17.34 10.36
CA ASP B 518 -7.97 -17.04 10.92
C ASP B 518 -6.85 -17.16 9.90
N ASN B 519 -6.97 -18.07 8.94
CA ASN B 519 -5.81 -18.43 8.16
C ASN B 519 -6.14 -18.55 6.67
N VAL B 520 -6.90 -17.62 6.10
CA VAL B 520 -7.06 -17.58 4.66
C VAL B 520 -6.13 -16.57 4.00
N CYS B 521 -6.04 -15.35 4.54
CA CYS B 521 -5.12 -14.37 3.99
C CYS B 521 -3.68 -14.87 4.11
N TYR B 522 -2.87 -14.53 3.12
CA TYR B 522 -1.57 -15.16 2.93
C TYR B 522 -0.69 -14.25 2.06
N MET B 523 0.62 -14.25 2.36
CA MET B 523 1.59 -13.55 1.52
C MET B 523 2.88 -14.36 1.41
N LYS B 524 3.66 -14.02 0.39
CA LYS B 524 4.94 -14.67 0.19
C LYS B 524 5.86 -13.76 -0.63
N LEU B 525 7.16 -13.88 -0.35
CA LEU B 525 8.24 -13.29 -1.14
C LEU B 525 9.04 -14.42 -1.79
N VAL B 526 9.21 -14.34 -3.10
CA VAL B 526 9.99 -15.30 -3.88
C VAL B 526 11.33 -14.63 -4.17
N CYS B 527 12.42 -15.17 -3.60
CA CYS B 527 13.75 -14.55 -3.64
C CYS B 527 14.79 -15.47 -4.26
N ARG B 528 15.81 -14.84 -4.89
CA ARG B 528 16.96 -15.54 -5.47
C ARG B 528 18.14 -15.49 -4.51
N LYS B 529 18.54 -16.67 -4.00
CA LYS B 529 19.69 -16.77 -3.10
C LYS B 529 20.94 -16.10 -3.66
N SER B 530 21.45 -16.61 -4.78
CA SER B 530 22.75 -16.22 -5.33
C SER B 530 22.84 -14.77 -5.77
N ASP B 531 21.76 -13.99 -5.61
CA ASP B 531 21.73 -12.58 -6.00
C ASP B 531 21.27 -11.72 -4.81
N ASN B 532 21.90 -11.96 -3.66
CA ASN B 532 21.65 -11.15 -2.47
C ASN B 532 20.23 -11.28 -1.95
N MET B 533 19.62 -12.46 -2.15
CA MET B 533 18.22 -12.71 -1.77
C MET B 533 17.29 -11.69 -2.43
N ARG B 534 17.54 -11.44 -3.72
CA ARG B 534 16.76 -10.47 -4.50
C ARG B 534 15.29 -10.87 -4.55
N VAL B 535 14.39 -9.91 -4.32
CA VAL B 535 12.96 -10.20 -4.40
C VAL B 535 12.58 -10.32 -5.87
N LEU B 536 12.29 -11.55 -6.32
CA LEU B 536 11.86 -11.79 -7.70
C LEU B 536 10.36 -11.60 -7.88
N GLY B 537 9.56 -11.88 -6.85
CA GLY B 537 8.13 -11.73 -6.96
C GLY B 537 7.48 -11.62 -5.60
N LEU B 538 6.43 -10.80 -5.53
CA LEU B 538 5.68 -10.55 -4.31
C LEU B 538 4.23 -10.94 -4.58
N HIS B 539 3.56 -11.56 -3.59
CA HIS B 539 2.19 -12.01 -3.76
C HIS B 539 1.44 -11.86 -2.45
N VAL B 540 0.21 -11.32 -2.51
CA VAL B 540 -0.60 -11.13 -1.29
C VAL B 540 -2.07 -11.38 -1.61
N LEU B 541 -2.70 -12.23 -0.81
CA LEU B 541 -4.13 -12.46 -0.86
C LEU B 541 -4.77 -11.86 0.39
N GLY B 542 -5.69 -10.90 0.20
CA GLY B 542 -6.29 -10.20 1.33
C GLY B 542 -7.11 -8.98 0.95
N PRO B 543 -7.70 -8.34 1.96
CA PRO B 543 -8.38 -7.08 1.70
C PRO B 543 -7.41 -6.04 1.16
N ASN B 544 -7.90 -5.18 0.26
CA ASN B 544 -7.13 -4.01 -0.22
C ASN B 544 -5.82 -4.41 -0.88
N ALA B 545 -5.79 -5.55 -1.56
CA ALA B 545 -4.53 -6.04 -2.15
C ALA B 545 -3.93 -5.02 -3.12
N GLY B 546 -4.77 -4.26 -3.83
CA GLY B 546 -4.24 -3.22 -4.71
C GLY B 546 -3.44 -2.17 -3.96
N GLU B 547 -4.00 -1.64 -2.87
CA GLU B 547 -3.28 -0.61 -2.14
C GLU B 547 -2.03 -1.17 -1.45
N ILE B 548 -2.10 -2.42 -0.99
CA ILE B 548 -0.92 -3.04 -0.37
C ILE B 548 0.22 -3.18 -1.39
N THR B 549 -0.10 -3.61 -2.62
CA THR B 549 0.96 -4.02 -3.54
C THR B 549 1.67 -2.81 -4.16
N GLN B 550 0.92 -1.74 -4.44
CA GLN B 550 1.42 -0.65 -5.28
C GLN B 550 2.79 -0.14 -4.82
N GLY B 551 2.89 0.28 -3.56
CA GLY B 551 4.13 0.89 -3.10
C GLY B 551 5.33 -0.01 -3.23
N TYR B 552 5.15 -1.32 -3.04
CA TYR B 552 6.26 -2.25 -3.18
C TYR B 552 6.74 -2.36 -4.64
N ALA B 553 5.87 -2.09 -5.61
CA ALA B 553 6.30 -2.09 -6.99
C ALA B 553 7.42 -1.09 -7.24
N VAL B 554 7.48 0.01 -6.48
CA VAL B 554 8.61 0.93 -6.60
C VAL B 554 9.89 0.28 -6.10
N ALA B 555 9.86 -0.33 -4.91
CA ALA B 555 11.07 -0.96 -4.39
C ALA B 555 11.56 -2.07 -5.32
N ILE B 556 10.62 -2.83 -5.90
CA ILE B 556 11.02 -3.92 -6.80
C ILE B 556 11.63 -3.35 -8.09
N LYS B 557 11.07 -2.25 -8.62
CA LYS B 557 11.68 -1.60 -9.77
C LYS B 557 13.12 -1.20 -9.47
N MET B 558 13.42 -0.99 -8.20
CA MET B 558 14.71 -0.50 -7.76
C MET B 558 15.62 -1.65 -7.35
N GLY B 559 15.16 -2.90 -7.51
CA GLY B 559 15.97 -4.06 -7.20
C GLY B 559 15.98 -4.51 -5.75
N ALA B 560 14.88 -4.33 -5.03
CA ALA B 560 14.86 -4.60 -3.60
C ALA B 560 15.27 -6.03 -3.29
N THR B 561 15.89 -6.21 -2.13
CA THR B 561 16.30 -7.50 -1.59
C THR B 561 15.54 -7.80 -0.30
N LYS B 562 15.67 -9.02 0.20
CA LYS B 562 15.04 -9.35 1.47
C LYS B 562 15.61 -8.47 2.59
N ALA B 563 16.90 -8.11 2.52
CA ALA B 563 17.48 -7.23 3.54
C ALA B 563 16.76 -5.89 3.57
N ASP B 564 16.43 -5.34 2.40
CA ASP B 564 15.76 -4.04 2.35
C ASP B 564 14.38 -4.11 3.01
N PHE B 565 13.67 -5.25 2.88
CA PHE B 565 12.39 -5.42 3.59
C PHE B 565 12.61 -5.61 5.09
N ASP B 566 13.71 -6.25 5.48
CA ASP B 566 13.95 -6.50 6.90
C ASP B 566 14.23 -5.19 7.64
N ARG B 567 15.06 -4.33 7.05
CA ARG B 567 15.49 -3.14 7.77
C ARG B 567 14.45 -2.02 7.75
N THR B 568 13.40 -2.13 6.91
CA THR B 568 12.27 -1.21 6.97
C THR B 568 11.29 -1.62 8.09
N ILE B 569 10.72 -0.61 8.80
CA ILE B 569 9.88 -0.81 9.99
C ILE B 569 8.40 -0.81 9.58
N GLY B 570 7.58 -1.55 10.31
CA GLY B 570 6.17 -1.62 9.96
C GLY B 570 5.38 -0.39 10.41
N ILE B 571 4.18 -0.25 9.82
CA ILE B 571 3.11 0.64 10.30
C ILE B 571 2.07 -0.25 10.98
N HIS B 572 1.76 -0.01 12.29
CA HIS B 572 0.93 -0.96 13.04
C HIS B 572 -0.53 -0.51 13.14
N PRO B 573 -1.44 -1.44 13.50
CA PRO B 573 -2.62 -1.80 12.70
C PRO B 573 -2.62 -1.75 11.17
N THR B 574 -1.75 -2.50 10.46
CA THR B 574 -2.00 -2.73 9.03
C THR B 574 -1.85 -4.20 8.68
N CYS B 575 -2.45 -4.59 7.53
CA CYS B 575 -2.13 -5.88 6.94
C CYS B 575 -0.74 -5.86 6.31
N SER B 576 -0.39 -4.74 5.67
CA SER B 576 0.79 -4.65 4.81
C SER B 576 2.10 -4.81 5.58
N GLU B 577 2.11 -4.49 6.88
CA GLU B 577 3.32 -4.55 7.70
C GLU B 577 3.87 -5.97 7.87
N THR B 578 3.06 -7.00 7.62
CA THR B 578 3.53 -8.38 7.71
C THR B 578 4.66 -8.66 6.72
N PHE B 579 4.79 -7.84 5.67
CA PHE B 579 5.89 -8.02 4.72
C PHE B 579 7.23 -7.63 5.30
N THR B 580 7.26 -6.78 6.34
CA THR B 580 8.51 -6.29 6.90
C THR B 580 9.14 -7.22 7.93
N THR B 581 8.45 -8.27 8.39
CA THR B 581 9.00 -9.20 9.37
C THR B 581 8.79 -10.67 8.98
N LEU B 582 8.90 -11.01 7.69
CA LEU B 582 8.74 -12.40 7.29
C LEU B 582 9.98 -13.21 7.67
N HIS B 583 9.79 -14.47 8.06
CA HIS B 583 10.95 -15.24 8.49
C HIS B 583 10.84 -16.75 8.24
N VAL B 584 9.63 -17.28 8.09
CA VAL B 584 9.48 -18.72 7.84
C VAL B 584 9.77 -19.01 6.38
N THR B 585 10.61 -20.01 6.13
CA THR B 585 10.90 -20.37 4.75
C THR B 585 10.14 -21.64 4.38
N LYS B 586 9.91 -21.80 3.07
CA LYS B 586 9.25 -23.01 2.59
C LYS B 586 10.17 -24.21 2.69
N LYS B 587 11.46 -24.05 2.35
CA LYS B 587 12.38 -25.16 2.51
C LYS B 587 12.41 -25.64 3.95
N SER B 588 12.19 -24.74 4.93
CA SER B 588 12.26 -25.10 6.33
C SER B 588 11.15 -26.07 6.72
N GLY B 589 10.01 -26.02 6.05
CA GLY B 589 8.91 -26.87 6.42
C GLY B 589 8.16 -26.45 7.66
N VAL B 590 8.45 -25.26 8.23
CA VAL B 590 7.70 -24.73 9.37
C VAL B 590 6.35 -24.17 8.91
N SER B 591 5.31 -24.36 9.74
CA SER B 591 3.96 -23.93 9.37
C SER B 591 3.85 -22.40 9.32
N PRO B 592 3.14 -21.85 8.33
CA PRO B 592 2.96 -20.39 8.27
C PRO B 592 1.75 -19.85 8.99
N ILE B 593 0.96 -20.64 9.73
CA ILE B 593 -0.30 -20.16 10.30
C ILE B 593 -0.07 -19.19 11.46
N VAL B 594 -1.14 -18.54 11.90
CA VAL B 594 -1.03 -17.47 12.91
C VAL B 594 -1.37 -17.98 14.30
PA FAD C . 4.73 -0.64 26.89
O1A FAD C . 4.04 -1.39 25.80
O2A FAD C . 3.86 0.43 27.58
O5B FAD C . 5.31 -1.71 27.99
C5B FAD C . 5.59 -1.32 29.35
C4B FAD C . 5.01 -2.35 30.30
O4B FAD C . 5.81 -2.40 31.51
C3B FAD C . 3.57 -2.09 30.75
O3B FAD C . 2.88 -3.32 30.86
C2B FAD C . 3.76 -1.44 32.13
O2B FAD C . 2.62 -1.63 32.95
C1B FAD C . 4.96 -2.25 32.63
N9A FAD C . 5.73 -1.65 33.73
C8A FAD C . 5.93 -0.32 34.01
N7A FAD C . 6.69 -0.11 35.05
C5A FAD C . 7.02 -1.37 35.50
C6A FAD C . 7.81 -1.82 36.57
N6A FAD C . 8.45 -1.02 37.42
N1A FAD C . 7.94 -3.17 36.74
C2A FAD C . 7.31 -3.98 35.88
N3A FAD C . 6.55 -3.67 34.84
C4A FAD C . 6.44 -2.34 34.70
N1 FAD C . 2.02 2.73 18.20
C2 FAD C . 1.96 2.30 16.91
O2 FAD C . 2.95 1.90 16.30
N3 FAD C . 0.74 2.32 16.25
C4 FAD C . -0.47 2.75 16.76
O4 FAD C . -1.49 2.70 16.07
C4X FAD C . -0.38 3.22 18.14
N5 FAD C . -1.48 3.65 18.72
C5X FAD C . -1.40 4.08 20.04
C6 FAD C . -2.56 4.54 20.66
C7 FAD C . -2.53 5.00 21.98
C7M FAD C . -3.80 5.47 22.63
C8 FAD C . -1.32 4.99 22.69
C8M FAD C . -1.26 5.47 24.12
C9 FAD C . -0.15 4.53 22.07
C9A FAD C . -0.18 4.08 20.75
N10 FAD C . 0.98 3.61 20.08
C10 FAD C . 0.91 3.17 18.78
C1' FAD C . 2.28 3.59 20.76
C2' FAD C . 2.60 2.23 21.37
O2' FAD C . 1.60 1.86 22.33
C3' FAD C . 3.95 2.31 22.09
O3' FAD C . 4.92 2.85 21.22
C4' FAD C . 4.43 0.95 22.58
O4' FAD C . 3.49 0.37 23.49
C5' FAD C . 5.82 1.02 23.19
O5' FAD C . 6.15 -0.25 23.78
P FAD C . 7.00 -0.35 25.09
O1P FAD C . 7.42 -1.82 25.24
O2P FAD C . 8.12 0.62 24.98
O3P FAD C . 6.01 0.09 26.31
C4 UXG D . -7.57 23.75 13.27
C5 UXG D . -7.87 23.90 11.91
C6 UXG D . -9.00 23.30 11.36
C7 UXG D . -9.85 22.57 12.19
C8 UXG D . -9.57 22.43 13.56
C10 UXG D . -5.08 23.87 13.15
C13 UXG D . -2.64 22.98 12.22
C15 UXG D . -4.99 22.68 12.46
N UXG D . -6.04 25.76 14.17
C UXG D . -6.29 27.69 14.87
O UXG D . -7.14 28.50 15.51
C1 UXG D . -7.06 26.86 13.76
C11 UXG D . -3.96 24.65 13.31
C12 UXG D . -2.76 24.19 12.84
C14 UXG D . -3.77 22.23 12.00
C2 UXG D . -6.06 26.33 15.65
C3 UXG D . -6.29 24.24 13.94
C9 UXG D . -8.44 23.03 14.08
PA FAD E . -9.50 0.28 -25.54
O1A FAD E . -9.76 0.74 -24.15
O2A FAD E . -10.40 -0.91 -25.93
O5B FAD E . -9.65 1.40 -26.64
C5B FAD E . -9.90 1.08 -28.02
C4B FAD E . -11.02 1.97 -28.51
O4B FAD E . -10.96 2.11 -29.96
C3B FAD E . -12.42 1.47 -28.19
O3B FAD E . -13.21 2.60 -27.84
C2B FAD E . -12.86 0.83 -29.51
O2B FAD E . -14.28 0.78 -29.65
C1B FAD E . -12.23 1.80 -30.49
N9A FAD E . -12.05 1.29 -31.85
C8A FAD E . -11.86 -0.02 -32.24
N7A FAD E . -11.72 -0.18 -33.53
C5A FAD E . -11.82 1.11 -34.03
C6A FAD E . -11.75 1.63 -35.35
N6A FAD E . -11.55 0.88 -36.43
N1A FAD E . -11.88 2.96 -35.50
C2A FAD E . -12.07 3.72 -34.42
N3A FAD E . -12.15 3.35 -33.14
C4A FAD E . -12.03 2.03 -33.01
N1 FAD E . -7.10 -3.24 -16.77
C2 FAD E . -6.58 -2.77 -15.59
O2 FAD E . -5.48 -2.22 -15.52
N3 FAD E . -7.33 -2.90 -14.42
C4 FAD E . -8.58 -3.50 -14.31
O4 FAD E . -9.13 -3.56 -13.21
C4X FAD E . -9.11 -4.00 -15.57
N5 FAD E . -10.31 -4.57 -15.57
C5X FAD E . -10.81 -5.03 -16.78
C6 FAD E . -12.07 -5.65 -16.80
C7 FAD E . -12.61 -6.14 -17.99
C7M FAD E . -13.97 -6.79 -17.98
C8 FAD E . -11.89 -6.01 -19.18
C8M FAD E . -12.45 -6.52 -20.48
C9 FAD E . -10.63 -5.39 -19.17
C9A FAD E . -10.09 -4.91 -17.98
N10 FAD E . -8.82 -4.29 -17.93
C10 FAD E . -8.30 -3.82 -16.75
C1' FAD E . -8.01 -4.10 -19.15
C2' FAD E . -8.17 -2.71 -19.74
O2' FAD E . -9.55 -2.46 -20.01
C3' FAD E . -7.40 -2.63 -21.05
O3' FAD E . -6.06 -3.04 -20.81
C4' FAD E . -7.41 -1.25 -21.70
O4' FAD E . -8.76 -0.83 -21.95
C5' FAD E . -6.60 -1.21 -22.98
O5' FAD E . -6.67 0.11 -23.53
P FAD E . -6.58 0.37 -25.08
O1P FAD E . -6.49 1.88 -25.26
O2P FAD E . -5.44 -0.47 -25.56
O3P FAD E . -7.99 -0.19 -25.69
C4 UXG F . -9.48 -26.74 -10.05
C5 UXG F . -9.34 -27.81 -9.13
C6 UXG F . -9.48 -29.13 -9.55
C7 UXG F . -9.79 -29.42 -10.87
C8 UXG F . -9.96 -28.40 -11.79
C10 UXG F . -7.74 -24.91 -9.80
C13 UXG F . -5.12 -24.15 -10.00
C15 UXG F . -6.80 -25.85 -10.08
N UXG F . -9.85 -24.53 -8.55
C UXG F . -11.33 -24.85 -7.00
O UXG F . -11.59 -23.78 -6.18
C1 UXG F . -11.41 -24.41 -8.51
C11 UXG F . -7.35 -23.60 -9.60
C12 UXG F . -6.04 -23.22 -9.72
C14 UXG F . -5.50 -25.47 -10.17
C2 UXG F . -9.78 -25.14 -7.12
C3 UXG F . -9.21 -25.26 -9.80
C9 UXG F . -9.80 -27.07 -11.40
#